data_8Y51
#
_entry.id   8Y51
#
_cell.length_a   1.00
_cell.length_b   1.00
_cell.length_c   1.00
_cell.angle_alpha   90.00
_cell.angle_beta   90.00
_cell.angle_gamma   90.00
#
_symmetry.space_group_name_H-M   'P 1'
#
loop_
_entity.id
_entity.type
_entity.pdbx_description
1 polymer 'Guanine nucleotide-binding protein G(q) subunit alpha'
2 polymer 'Guanine nucleotide-binding protein G(I)/G(S)/G(T) subunit beta-1'
3 polymer 'Guanine nucleotide-binding protein G(I)/G(S)/G(O) subunit gamma-2'
4 polymer 'Bombesin receptor subtype-3'
5 polymer scFv16
#
loop_
_entity_poly.entity_id
_entity_poly.type
_entity_poly.pdbx_seq_one_letter_code
_entity_poly.pdbx_strand_id
1 'polypeptide(L)'
;MGCTLSAEDKAAVERSKMIEKQLQKDKQVYRRTLRLLLLGADNSGKSTIVKQMRIYHVNGYSEEECKQYKAVVYSNTIQS
IIAIIRAMGRLKIDFGDSARADDARQLFVLAGAAEEGFMTAELAGVIKRLWKDSGVQACFNRSREYQLNDSAAYYLNDLD
RIAQPNYIPTQQDVLRTRVKTSGIFETKFQVDKVNFHMFDVGAQRDERRKWIQCFNDVTAIIFVVDSSDYNRLQEALNDF
KSIWNNRWLRTISVILFLNKQDLLAEKVLAGKSKIEDYFPEFARYTTPEDATPEPGEDPRVTRAKYFIRKEFVDISTASG
DGRHICYPHFTCSVDTENARRIFNDCKDIILQMNLREYNLV
;
A
2 'polypeptide(L)'
;MGSLLQSELDQLRQEAEQLKNQIRDARKACADATLSQITNNIDPVGRIQMRTRRTLRGHLAKIYAMHWGTDSRLLVSASQ
DGKLIIWDSYTTNKVHAIPLRSSWVMTCAYAPSGNYVACGGLDNICSIYNLKTREGNVRVSRELAGHTGYLSCCRFLDDN
QIVTSSGDTTCALWDIETGQQTTTFTGHTGDVMSLSLAPDTRLFVSGACDASAKLWDVREGMCRQTFTGHESDINAICFF
PNGNAFATGSDDATCRLFDLRADQELMTYSHDNIICGITSVSFSKSGRLLLAGYDDFNCNVWDALKADRAGVLAGHDNRV
SCLGVTDDGMAVATGSWDSFLKIWN
;
B
3 'polypeptide(L)' MASNNTASIAQARKLVEQLKMEANIDRIKVSKAAADLMAYCEAHAKEDPLLTPVPASENPFREKKFFCAIL G
4 'polypeptide(L)'
;MAQRQPHSPNQTLISITNDTESSSSVVSNDNTNKGWSGDNSPGIEALCAIYITYAVIISVGILGNAILIKVFFKTKSMQT
VPNIFITSLAFGDLLLLLTCVPVDATHYLAEGWLFGRIGCKVLSFIRLTSVGVSVFTLTILSADRYKAVVKPLERQPSNA
ILKTCVKAGCVWIVSMIFALPEAIFSNVYTFRDPNKNMTFESCTSYPVSKKLLQEIHSLLCFLVFYIIPLSIISVYYSLI
ARTLYKSTLNIPTEEQSHARKQIESRKRIARTVLVLVALFALCWLPNHLLYLYHSFTSQTYVDPSAMHFIFTIFSRVLAF
SNSCVNPFALYWLSKSFQKHFKAQLFCCKAERPEPPVADTSLTTLAVMGTVPGTGSIQMSEISVTSFTGCSVKQAEDRF
;
R
5 'polypeptide(L)'
;VQLVESGGGLVQPGGSRKLSCSASGFAFSSFGMHWVRQAPEKGLEWVAYISSGSGTIYYADTVKGRFTISRDDPKNTLFL
QMTSLRSEDTAMYYCVRSIYYYGSSPFDFWGQGTTLTVSAGGGGSGGGGSGGGGSADIVMTQATSSVPVTPGESVSISCR
SSKSLLHSNGNTYLYWFLQRPGQSPQLLIYRMSNLASGVPDRFSGSGSGTAFTLTISRLEAEDVGVYYCMQHLEYPLTFG
AGTKLEL
;
E
#
# COMPACT_ATOMS: atom_id res chain seq x y z
N LEU A 5 -21.34 19.07 -9.00
CA LEU A 5 -20.53 18.89 -7.76
C LEU A 5 -20.29 20.23 -7.07
N SER A 6 -20.30 20.23 -5.74
CA SER A 6 -20.10 21.45 -4.98
C SER A 6 -18.64 21.92 -5.09
N ALA A 7 -18.43 23.20 -4.77
CA ALA A 7 -17.10 23.77 -4.86
C ALA A 7 -16.16 23.13 -3.83
N GLU A 8 -16.64 22.92 -2.61
CA GLU A 8 -15.80 22.33 -1.58
C GLU A 8 -15.41 20.90 -1.94
N ASP A 9 -16.37 20.13 -2.46
CA ASP A 9 -16.05 18.77 -2.90
C ASP A 9 -15.04 18.78 -4.04
N LYS A 10 -15.17 19.73 -4.96
CA LYS A 10 -14.22 19.81 -6.07
C LYS A 10 -12.82 20.16 -5.59
N ALA A 11 -12.72 21.10 -4.63
CA ALA A 11 -11.42 21.43 -4.07
C ALA A 11 -10.84 20.26 -3.27
N ALA A 12 -11.70 19.49 -2.59
CA ALA A 12 -11.21 18.30 -1.90
C ALA A 12 -10.67 17.28 -2.88
N VAL A 13 -11.35 17.10 -4.01
CA VAL A 13 -10.86 16.19 -5.04
C VAL A 13 -9.54 16.71 -5.60
N GLU A 14 -9.41 18.03 -5.74
CA GLU A 14 -8.16 18.61 -6.23
C GLU A 14 -7.02 18.32 -5.26
N ARG A 15 -7.26 18.51 -3.96
CA ARG A 15 -6.22 18.21 -2.98
C ARG A 15 -5.90 16.73 -2.96
N SER A 16 -6.92 15.87 -3.17
CA SER A 16 -6.67 14.44 -3.24
C SER A 16 -5.78 14.11 -4.44
N LYS A 17 -6.02 14.75 -5.58
CA LYS A 17 -5.16 14.55 -6.73
C LYS A 17 -3.75 15.04 -6.47
N MET A 18 -3.60 16.16 -5.75
CA MET A 18 -2.26 16.63 -5.38
C MET A 18 -1.55 15.59 -4.52
N ILE A 19 -2.25 15.05 -3.53
CA ILE A 19 -1.65 14.04 -2.65
C ILE A 19 -1.30 12.78 -3.45
N GLU A 20 -2.15 12.44 -4.42
CA GLU A 20 -1.86 11.29 -5.27
C GLU A 20 -0.61 11.52 -6.11
N LYS A 21 -0.45 12.74 -6.64
CA LYS A 21 0.77 13.05 -7.37
C LYS A 21 1.99 12.96 -6.46
N GLN A 22 1.87 13.46 -5.23
CA GLN A 22 2.98 13.33 -4.28
C GLN A 22 3.32 11.87 -4.01
N LEU A 23 2.30 11.04 -3.80
CA LEU A 23 2.54 9.63 -3.53
C LEU A 23 3.18 8.94 -4.72
N GLN A 24 2.73 9.26 -5.94
CA GLN A 24 3.32 8.67 -7.13
C GLN A 24 4.76 9.13 -7.32
N LYS A 25 5.06 10.37 -6.98
CA LYS A 25 6.44 10.85 -7.05
C LYS A 25 7.33 10.12 -6.05
N ASP A 26 6.82 9.92 -4.83
CA ASP A 26 7.60 9.19 -3.84
C ASP A 26 7.72 7.71 -4.17
N LYS A 27 6.76 7.16 -4.92
CA LYS A 27 6.80 5.75 -5.28
C LYS A 27 8.01 5.41 -6.12
N GLN A 28 8.38 6.31 -7.05
CA GLN A 28 9.56 6.06 -7.87
C GLN A 28 10.82 5.98 -7.01
N VAL A 29 10.98 6.93 -6.10
CA VAL A 29 12.16 6.90 -5.22
C VAL A 29 12.14 5.65 -4.35
N TYR A 30 10.96 5.27 -3.86
CA TYR A 30 10.86 4.09 -3.02
C TYR A 30 11.29 2.83 -3.78
N ARG A 31 10.70 2.60 -4.95
CA ARG A 31 11.01 1.40 -5.71
C ARG A 31 12.39 1.44 -6.35
N ARG A 32 13.01 2.62 -6.44
CA ARG A 32 14.35 2.73 -7.02
C ARG A 32 15.45 2.42 -6.00
N THR A 33 15.13 2.45 -4.71
CA THR A 33 16.09 2.16 -3.66
C THR A 33 15.97 0.71 -3.23
N LEU A 34 17.11 0.07 -2.97
CA LEU A 34 17.16 -1.33 -2.56
C LEU A 34 17.24 -1.40 -1.05
N ARG A 35 16.29 -2.10 -0.43
CA ARG A 35 16.25 -2.27 1.01
C ARG A 35 16.98 -3.56 1.39
N LEU A 36 17.80 -3.47 2.43
CA LEU A 36 18.60 -4.60 2.91
C LEU A 36 18.51 -4.70 4.42
N LEU A 37 18.38 -5.91 4.92
CA LEU A 37 18.31 -6.17 6.36
C LEU A 37 19.63 -6.77 6.82
N LEU A 38 20.20 -6.21 7.88
CA LEU A 38 21.47 -6.67 8.44
C LEU A 38 21.18 -7.43 9.73
N LEU A 39 21.47 -8.73 9.73
CA LEU A 39 21.27 -9.58 10.88
C LEU A 39 22.60 -10.17 11.32
N GLY A 40 22.63 -10.64 12.55
CA GLY A 40 23.83 -11.25 13.12
C GLY A 40 23.83 -11.13 14.62
N ALA A 41 24.52 -12.07 15.27
CA ALA A 41 24.60 -12.08 16.72
C ALA A 41 25.55 -10.98 17.21
N ASP A 42 25.58 -10.80 18.53
CA ASP A 42 26.45 -9.79 19.12
C ASP A 42 27.92 -10.07 18.84
N ASN A 43 28.29 -11.35 18.76
CA ASN A 43 29.67 -11.71 18.48
C ASN A 43 30.08 -11.38 17.06
N SER A 44 29.13 -11.46 16.12
CA SER A 44 29.42 -11.14 14.73
C SER A 44 29.93 -9.71 14.60
N GLY A 45 30.82 -9.49 13.63
CA GLY A 45 31.38 -8.18 13.41
C GLY A 45 30.58 -7.33 12.45
N LYS A 46 29.25 -7.43 12.54
CA LYS A 46 28.39 -6.64 11.66
C LYS A 46 28.64 -5.14 11.84
N SER A 47 28.89 -4.72 13.08
CA SER A 47 29.18 -3.31 13.33
C SER A 47 30.44 -2.88 12.59
N THR A 48 31.48 -3.74 12.58
CA THR A 48 32.70 -3.41 11.86
C THR A 48 32.43 -3.28 10.36
N ILE A 49 31.61 -4.20 9.82
CA ILE A 49 31.28 -4.14 8.40
C ILE A 49 30.56 -2.83 8.08
N VAL A 50 29.58 -2.46 8.92
CA VAL A 50 28.86 -1.21 8.70
C VAL A 50 29.82 -0.03 8.74
N LYS A 51 30.71 -0.01 9.72
CA LYS A 51 31.67 1.09 9.83
C LYS A 51 32.57 1.15 8.60
N GLN A 52 32.93 -0.01 8.05
CA GLN A 52 33.83 -0.02 6.90
C GLN A 52 33.12 0.49 5.64
N MET A 53 31.81 0.27 5.54
CA MET A 53 31.04 0.68 4.37
C MET A 53 30.77 2.19 4.44
N ARG A 54 31.76 2.95 3.99
CA ARG A 54 31.68 4.41 3.93
C ARG A 54 31.80 4.92 2.51
N ILE A 55 31.19 4.23 1.56
CA ILE A 55 31.25 4.62 0.15
C ILE A 55 30.50 5.94 -0.05
N THR A 181 18.49 4.00 22.54
CA THR A 181 17.64 2.82 22.43
C THR A 181 16.93 2.80 21.08
N SER A 182 17.60 3.32 20.06
CA SER A 182 17.03 3.36 18.71
C SER A 182 16.89 1.94 18.18
N GLY A 183 15.65 1.46 18.08
CA GLY A 183 15.40 0.12 17.58
C GLY A 183 15.73 -0.09 16.12
N ILE A 184 16.01 0.98 15.39
CA ILE A 184 16.33 0.90 13.96
C ILE A 184 17.52 1.81 13.68
N PHE A 185 18.44 1.32 12.85
CA PHE A 185 19.65 2.06 12.46
C PHE A 185 19.73 2.02 10.94
N GLU A 186 19.17 3.03 10.28
CA GLU A 186 19.13 3.08 8.82
C GLU A 186 20.49 3.53 8.30
N THR A 187 21.14 2.68 7.50
CA THR A 187 22.42 2.99 6.88
C THR A 187 22.22 3.04 5.38
N LYS A 188 22.54 4.19 4.78
CA LYS A 188 22.36 4.41 3.34
C LYS A 188 23.72 4.59 2.69
N PHE A 189 23.98 3.81 1.64
CA PHE A 189 25.21 3.90 0.87
C PHE A 189 24.90 3.66 -0.60
N GLN A 190 25.67 4.31 -1.46
CA GLN A 190 25.48 4.23 -2.91
C GLN A 190 26.70 3.59 -3.55
N VAL A 191 26.47 2.65 -4.46
CA VAL A 191 27.54 1.94 -5.17
C VAL A 191 27.08 1.73 -6.61
N ASP A 192 27.79 2.33 -7.56
CA ASP A 192 27.46 2.21 -8.98
C ASP A 192 26.15 2.93 -9.31
N LYS A 193 25.96 4.11 -8.72
CA LYS A 193 24.84 5.00 -9.04
C LYS A 193 23.49 4.44 -8.61
N VAL A 194 23.47 3.49 -7.67
CA VAL A 194 22.23 2.95 -7.14
C VAL A 194 22.32 2.99 -5.61
N ASN A 195 21.25 3.40 -4.97
CA ASN A 195 21.23 3.58 -3.52
C ASN A 195 20.89 2.26 -2.82
N PHE A 196 21.55 2.00 -1.71
CA PHE A 196 21.29 0.82 -0.89
C PHE A 196 20.87 1.27 0.51
N HIS A 197 19.78 0.69 1.01
CA HIS A 197 19.25 0.98 2.34
C HIS A 197 19.48 -0.24 3.21
N MET A 198 20.51 -0.18 4.06
CA MET A 198 20.88 -1.28 4.95
C MET A 198 20.36 -0.98 6.34
N PHE A 199 19.47 -1.86 6.84
CA PHE A 199 18.87 -1.70 8.16
C PHE A 199 19.50 -2.69 9.13
N ASP A 200 19.87 -2.20 10.31
CA ASP A 200 20.50 -3.01 11.35
C ASP A 200 19.64 -2.95 12.60
N VAL A 201 19.11 -4.10 13.01
CA VAL A 201 18.28 -4.22 14.20
C VAL A 201 19.15 -4.86 15.28
N GLY A 202 19.73 -4.03 16.14
CA GLY A 202 20.58 -4.52 17.20
C GLY A 202 20.18 -4.02 18.58
N ALA A 203 19.10 -3.25 18.64
CA ALA A 203 18.60 -2.68 19.90
C ALA A 203 17.23 -3.23 20.23
N GLN A 204 17.03 -4.53 20.03
CA GLN A 204 15.77 -5.20 20.33
C GLN A 204 16.03 -6.53 21.01
N ARG A 205 14.97 -7.09 21.59
CA ARG A 205 15.08 -8.36 22.29
C ARG A 205 15.58 -9.45 21.35
N ASP A 206 16.03 -10.56 21.95
CA ASP A 206 16.52 -11.68 21.16
C ASP A 206 15.42 -12.28 20.29
N GLU A 207 14.18 -12.28 20.78
CA GLU A 207 13.07 -12.81 20.01
C GLU A 207 12.83 -11.96 18.77
N ARG A 208 12.65 -12.62 17.63
CA ARG A 208 12.51 -11.92 16.36
C ARG A 208 11.43 -12.50 15.45
N ARG A 209 10.63 -13.46 15.92
CA ARG A 209 9.64 -14.08 15.05
C ARG A 209 8.47 -13.16 14.73
N LYS A 210 8.44 -11.94 15.28
CA LYS A 210 7.36 -11.00 15.03
C LYS A 210 7.78 -9.87 14.10
N TRP A 211 8.85 -9.15 14.43
CA TRP A 211 9.25 -8.01 13.62
C TRP A 211 10.01 -8.42 12.35
N ILE A 212 10.53 -9.65 12.30
CA ILE A 212 11.24 -10.10 11.10
C ILE A 212 10.27 -10.22 9.94
N GLN A 213 8.97 -10.38 10.23
CA GLN A 213 7.99 -10.57 9.16
C GLN A 213 7.89 -9.33 8.27
N CYS A 214 7.84 -8.15 8.89
CA CYS A 214 7.69 -6.92 8.11
C CYS A 214 8.86 -6.70 7.17
N PHE A 215 10.03 -7.23 7.50
CA PHE A 215 11.21 -7.05 6.64
C PHE A 215 11.16 -7.93 5.39
N ASN A 216 10.04 -8.60 5.11
CA ASN A 216 9.93 -9.38 3.89
C ASN A 216 9.86 -8.45 2.68
N ASP A 217 9.96 -9.06 1.49
CA ASP A 217 9.88 -8.34 0.23
C ASP A 217 11.11 -7.48 -0.01
N VAL A 218 12.09 -7.54 0.90
CA VAL A 218 13.30 -6.76 0.73
C VAL A 218 14.20 -7.42 -0.32
N THR A 219 15.19 -6.67 -0.78
CA THR A 219 16.11 -7.18 -1.80
C THR A 219 16.88 -8.39 -1.29
N ALA A 220 17.56 -8.23 -0.15
CA ALA A 220 18.36 -9.30 0.41
C ALA A 220 18.56 -9.06 1.90
N ILE A 221 18.98 -10.11 2.60
CA ILE A 221 19.25 -10.07 4.03
C ILE A 221 20.74 -10.32 4.23
N ILE A 222 21.41 -9.37 4.90
CA ILE A 222 22.84 -9.47 5.16
C ILE A 222 23.01 -10.19 6.49
N PHE A 223 23.46 -11.43 6.44
CA PHE A 223 23.72 -12.23 7.63
C PHE A 223 25.22 -12.33 7.86
N VAL A 224 25.68 -11.95 9.05
CA VAL A 224 27.08 -11.95 9.41
C VAL A 224 27.29 -12.99 10.51
N VAL A 225 28.33 -13.80 10.36
CA VAL A 225 28.66 -14.87 11.31
C VAL A 225 30.13 -14.78 11.65
N ASP A 226 30.47 -15.07 12.91
CA ASP A 226 31.85 -15.08 13.38
C ASP A 226 32.43 -16.46 13.09
N SER A 227 33.13 -16.56 11.95
CA SER A 227 33.73 -17.83 11.56
C SER A 227 34.94 -18.20 12.40
N SER A 228 35.52 -17.24 13.12
CA SER A 228 36.70 -17.53 13.94
C SER A 228 36.31 -18.19 15.26
N ASP A 229 35.20 -17.76 15.86
CA ASP A 229 34.76 -18.30 17.15
C ASP A 229 34.01 -19.60 16.89
N TYR A 230 34.68 -20.73 17.14
CA TYR A 230 34.06 -22.03 16.94
C TYR A 230 32.93 -22.27 17.93
N ASN A 231 33.05 -21.74 19.14
CA ASN A 231 32.01 -21.96 20.15
C ASN A 231 30.67 -21.40 19.67
N ARG A 232 30.63 -20.10 19.36
CA ARG A 232 29.41 -19.47 18.89
C ARG A 232 29.07 -19.85 17.45
N LEU A 233 29.93 -20.62 16.78
CA LEU A 233 29.66 -20.99 15.39
C LEU A 233 28.42 -21.87 15.30
N GLN A 234 28.24 -22.79 16.26
CA GLN A 234 27.05 -23.64 16.24
C GLN A 234 25.78 -22.80 16.41
N GLU A 235 25.80 -21.85 17.35
CA GLU A 235 24.65 -20.97 17.54
C GLU A 235 24.38 -20.14 16.30
N ALA A 236 25.45 -19.68 15.64
CA ALA A 236 25.27 -18.90 14.41
C ALA A 236 24.64 -19.76 13.31
N LEU A 237 25.09 -21.01 13.18
CA LEU A 237 24.50 -21.92 12.21
C LEU A 237 23.02 -22.16 12.51
N ASN A 238 22.70 -22.34 13.79
CA ASN A 238 21.31 -22.57 14.18
C ASN A 238 20.45 -21.35 13.84
N ASP A 239 20.96 -20.15 14.14
CA ASP A 239 20.22 -18.93 13.82
C ASP A 239 20.03 -18.78 12.32
N PHE A 240 21.06 -19.08 11.54
CA PHE A 240 20.95 -19.01 10.09
C PHE A 240 19.91 -20.00 9.57
N LYS A 241 19.91 -21.22 10.11
CA LYS A 241 18.90 -22.20 9.72
C LYS A 241 17.50 -21.70 10.05
N SER A 242 17.32 -21.17 11.25
CA SER A 242 16.01 -20.65 11.66
C SER A 242 15.55 -19.55 10.72
N ILE A 243 16.44 -18.62 10.40
CA ILE A 243 16.07 -17.50 9.54
C ILE A 243 15.74 -17.99 8.14
N TRP A 244 16.50 -18.97 7.65
CA TRP A 244 16.29 -19.48 6.30
C TRP A 244 14.93 -20.16 6.17
N ASN A 245 14.62 -21.05 7.12
CA ASN A 245 13.37 -21.80 7.08
C ASN A 245 12.17 -20.97 7.54
N ASN A 246 12.35 -19.68 7.81
CA ASN A 246 11.24 -18.84 8.22
C ASN A 246 10.18 -18.78 7.12
N ARG A 247 8.90 -18.85 7.53
CA ARG A 247 7.81 -18.87 6.58
C ARG A 247 7.80 -17.61 5.71
N TRP A 248 7.68 -16.45 6.34
CA TRP A 248 7.50 -15.22 5.59
C TRP A 248 8.76 -14.80 4.82
N LEU A 249 9.90 -15.40 5.12
CA LEU A 249 11.15 -15.11 4.43
C LEU A 249 11.55 -16.21 3.47
N ARG A 250 10.61 -17.07 3.06
CA ARG A 250 10.91 -18.19 2.19
C ARG A 250 11.20 -17.73 0.76
N THR A 251 11.00 -16.44 0.49
CA THR A 251 11.21 -15.90 -0.85
C THR A 251 12.28 -14.81 -0.90
N ILE A 252 13.05 -14.63 0.17
CA ILE A 252 14.07 -13.59 0.25
C ILE A 252 15.42 -14.26 0.37
N SER A 253 16.37 -13.82 -0.45
CA SER A 253 17.73 -14.36 -0.41
C SER A 253 18.50 -13.78 0.77
N VAL A 254 19.50 -14.51 1.22
CA VAL A 254 20.31 -14.13 2.38
C VAL A 254 21.75 -13.99 1.91
N ILE A 255 22.34 -12.81 2.13
CA ILE A 255 23.73 -12.56 1.81
C ILE A 255 24.56 -12.92 3.05
N LEU A 256 25.31 -14.01 2.96
CA LEU A 256 26.07 -14.54 4.09
C LEU A 256 27.52 -14.06 3.99
N PHE A 257 27.91 -13.19 4.93
CA PHE A 257 29.28 -12.71 5.04
C PHE A 257 29.93 -13.38 6.24
N LEU A 258 30.87 -14.29 5.97
CA LEU A 258 31.63 -14.95 7.03
C LEU A 258 32.79 -14.03 7.40
N ASN A 259 32.55 -13.17 8.39
CA ASN A 259 33.50 -12.14 8.78
C ASN A 259 34.56 -12.72 9.70
N LYS A 260 35.62 -11.94 9.93
CA LYS A 260 36.72 -12.33 10.79
C LYS A 260 37.48 -13.53 10.21
N GLN A 261 37.76 -13.48 8.91
CA GLN A 261 38.52 -14.56 8.28
C GLN A 261 39.98 -14.54 8.73
N ASP A 262 40.53 -13.35 8.98
CA ASP A 262 41.91 -13.26 9.44
C ASP A 262 42.08 -13.93 10.80
N LEU A 263 41.15 -13.69 11.72
CA LEU A 263 41.22 -14.33 13.03
C LEU A 263 41.09 -15.84 12.91
N LEU A 264 40.17 -16.30 12.05
CA LEU A 264 40.02 -17.74 11.83
C LEU A 264 41.30 -18.35 11.30
N ALA A 265 41.93 -17.68 10.33
CA ALA A 265 43.18 -18.17 9.77
C ALA A 265 44.27 -18.25 10.83
N GLU A 266 44.43 -17.17 11.60
CA GLU A 266 45.45 -17.16 12.65
C GLU A 266 45.19 -18.29 13.66
N LYS A 267 43.94 -18.50 14.03
CA LYS A 267 43.61 -19.54 15.01
C LYS A 267 43.93 -20.91 14.46
N VAL A 268 43.48 -21.21 13.24
CA VAL A 268 43.70 -22.54 12.68
C VAL A 268 45.18 -22.77 12.40
N LEU A 269 45.94 -21.71 12.16
CA LEU A 269 47.38 -21.86 11.98
C LEU A 269 48.09 -22.13 13.30
N ALA A 270 47.69 -21.40 14.35
CA ALA A 270 48.28 -21.63 15.66
C ALA A 270 48.07 -23.06 16.14
N GLY A 271 47.01 -23.71 15.68
CA GLY A 271 46.73 -25.08 16.06
C GLY A 271 46.25 -25.26 17.48
N LYS A 272 46.00 -24.18 18.22
CA LYS A 272 45.55 -24.31 19.60
C LYS A 272 44.10 -24.77 19.67
N SER A 273 43.27 -24.35 18.72
CA SER A 273 41.86 -24.70 18.69
C SER A 273 41.57 -25.41 17.37
N LYS A 274 41.11 -26.66 17.46
CA LYS A 274 40.79 -27.46 16.29
C LYS A 274 39.28 -27.54 16.12
N ILE A 275 38.83 -27.40 14.87
CA ILE A 275 37.40 -27.48 14.58
C ILE A 275 36.86 -28.87 14.87
N GLU A 276 37.72 -29.89 14.80
CA GLU A 276 37.28 -31.25 15.08
C GLU A 276 36.66 -31.36 16.46
N ASP A 277 37.18 -30.60 17.43
CA ASP A 277 36.63 -30.63 18.78
C ASP A 277 35.17 -30.23 18.80
N TYR A 278 34.77 -29.33 17.92
CA TYR A 278 33.39 -28.85 17.86
C TYR A 278 32.57 -29.50 16.75
N PHE A 279 33.20 -29.83 15.63
CA PHE A 279 32.51 -30.46 14.49
C PHE A 279 33.25 -31.73 14.09
N PRO A 280 32.74 -32.91 14.45
CA PRO A 280 33.45 -34.14 14.08
C PRO A 280 33.51 -34.38 12.58
N GLU A 281 32.55 -33.88 11.82
CA GLU A 281 32.56 -34.07 10.38
C GLU A 281 33.80 -33.44 9.75
N PHE A 282 34.36 -32.40 10.39
CA PHE A 282 35.55 -31.75 9.83
C PHE A 282 36.70 -32.74 9.69
N ALA A 283 36.82 -33.70 10.61
CA ALA A 283 37.90 -34.66 10.54
C ALA A 283 37.83 -35.50 9.26
N ARG A 284 36.63 -35.76 8.75
CA ARG A 284 36.44 -36.55 7.56
C ARG A 284 36.04 -35.72 6.35
N TYR A 285 36.34 -34.42 6.36
CA TYR A 285 36.00 -33.51 5.28
C TYR A 285 37.26 -33.19 4.48
N THR A 286 37.19 -33.39 3.17
CA THR A 286 38.30 -33.08 2.27
C THR A 286 38.01 -31.79 1.52
N THR A 287 39.06 -31.05 1.19
CA THR A 287 38.91 -29.79 0.48
C THR A 287 38.21 -30.03 -0.85
N PRO A 288 37.28 -29.17 -1.26
CA PRO A 288 36.63 -29.37 -2.57
C PRO A 288 37.65 -29.35 -3.69
N GLU A 289 37.47 -30.27 -4.64
CA GLU A 289 38.39 -30.35 -5.77
C GLU A 289 38.27 -29.13 -6.68
N ASP A 290 37.05 -28.64 -6.88
CA ASP A 290 36.79 -27.49 -7.73
C ASP A 290 37.06 -26.16 -7.02
N ALA A 291 37.57 -26.19 -5.80
CA ALA A 291 37.86 -24.96 -5.08
C ALA A 291 38.94 -24.16 -5.80
N THR A 292 39.02 -22.86 -5.45
CA THR A 292 40.00 -21.94 -6.01
C THR A 292 40.69 -21.23 -4.85
N PRO A 293 41.64 -21.88 -4.20
CA PRO A 293 42.35 -21.22 -3.08
C PRO A 293 43.09 -19.99 -3.55
N GLU A 294 42.96 -18.90 -2.78
CA GLU A 294 43.65 -17.67 -3.10
C GLU A 294 45.16 -17.86 -2.95
N PRO A 295 45.96 -17.04 -3.64
CA PRO A 295 47.41 -17.20 -3.54
C PRO A 295 47.91 -16.90 -2.14
N GLY A 296 48.73 -17.80 -1.60
CA GLY A 296 49.28 -17.63 -0.27
C GLY A 296 48.40 -18.14 0.85
N GLU A 297 47.39 -18.96 0.54
CA GLU A 297 46.50 -19.49 1.56
C GLU A 297 47.02 -20.84 2.03
N ASP A 298 47.17 -20.99 3.35
CA ASP A 298 47.61 -22.26 3.90
C ASP A 298 46.53 -23.32 3.69
N PRO A 299 46.91 -24.58 3.42
CA PRO A 299 45.89 -25.61 3.20
C PRO A 299 44.88 -25.71 4.34
N ARG A 300 45.31 -25.59 5.59
CA ARG A 300 44.40 -25.71 6.71
C ARG A 300 43.37 -24.58 6.70
N VAL A 301 43.83 -23.35 6.47
CA VAL A 301 42.93 -22.20 6.46
C VAL A 301 41.87 -22.39 5.37
N THR A 302 42.31 -22.70 4.14
CA THR A 302 41.39 -22.89 3.04
C THR A 302 40.40 -24.00 3.35
N ARG A 303 40.90 -25.13 3.87
CA ARG A 303 40.03 -26.26 4.16
C ARG A 303 38.98 -25.89 5.20
N ALA A 304 39.38 -25.17 6.24
CA ALA A 304 38.44 -24.80 7.30
C ALA A 304 37.38 -23.84 6.77
N LYS A 305 37.80 -22.80 6.04
CA LYS A 305 36.83 -21.85 5.52
C LYS A 305 35.87 -22.53 4.54
N TYR A 306 36.37 -23.44 3.71
CA TYR A 306 35.50 -24.13 2.77
C TYR A 306 34.57 -25.11 3.49
N PHE A 307 35.03 -25.71 4.60
CA PHE A 307 34.15 -26.55 5.39
C PHE A 307 33.01 -25.75 5.97
N ILE A 308 33.31 -24.58 6.53
CA ILE A 308 32.26 -23.72 7.08
C ILE A 308 31.30 -23.29 5.97
N ARG A 309 31.85 -22.92 4.81
CA ARG A 309 31.02 -22.51 3.69
C ARG A 309 30.11 -23.64 3.24
N LYS A 310 30.63 -24.86 3.18
CA LYS A 310 29.81 -26.01 2.77
C LYS A 310 28.73 -26.29 3.80
N GLU A 311 29.07 -26.17 5.10
CA GLU A 311 28.05 -26.35 6.13
C GLU A 311 26.92 -25.34 5.96
N PHE A 312 27.26 -24.07 5.74
CA PHE A 312 26.23 -23.06 5.55
C PHE A 312 25.41 -23.33 4.30
N VAL A 313 26.07 -23.71 3.21
CA VAL A 313 25.37 -23.95 1.94
C VAL A 313 24.44 -25.15 2.08
N ASP A 314 24.84 -26.15 2.85
CA ASP A 314 23.97 -27.31 3.07
C ASP A 314 22.79 -26.94 3.96
N ILE A 315 23.03 -26.14 4.99
CA ILE A 315 21.93 -25.68 5.84
C ILE A 315 20.93 -24.89 5.02
N SER A 316 21.40 -24.09 4.07
CA SER A 316 20.50 -23.32 3.23
C SER A 316 19.83 -24.19 2.17
N THR A 317 20.50 -25.24 1.71
CA THR A 317 19.93 -26.10 0.67
C THR A 317 18.84 -27.01 1.23
N ALA A 318 19.06 -27.58 2.40
CA ALA A 318 18.07 -28.44 3.02
C ALA A 318 16.76 -27.68 3.19
N SER A 319 15.67 -28.26 2.66
CA SER A 319 14.34 -27.67 2.69
C SER A 319 14.23 -26.43 1.80
N GLY A 320 15.24 -26.17 0.97
CA GLY A 320 15.22 -25.01 0.09
C GLY A 320 14.52 -25.30 -1.23
N ASP A 321 13.40 -24.64 -1.47
CA ASP A 321 12.64 -24.85 -2.70
C ASP A 321 13.24 -24.15 -3.90
N GLY A 322 14.42 -23.54 -3.76
CA GLY A 322 15.04 -22.82 -4.86
C GLY A 322 14.51 -21.42 -5.09
N ARG A 323 13.41 -21.04 -4.42
CA ARG A 323 12.86 -19.71 -4.60
C ARG A 323 13.83 -18.62 -4.16
N HIS A 324 14.72 -18.94 -3.22
CA HIS A 324 15.74 -18.01 -2.75
C HIS A 324 17.06 -18.74 -2.62
N ILE A 325 18.15 -18.04 -2.93
CA ILE A 325 19.48 -18.61 -2.94
C ILE A 325 20.36 -17.87 -1.94
N CYS A 326 21.29 -18.60 -1.35
CA CYS A 326 22.24 -18.03 -0.40
C CYS A 326 23.49 -17.56 -1.13
N TYR A 327 23.98 -16.38 -0.79
CA TYR A 327 25.16 -15.81 -1.41
C TYR A 327 26.30 -15.75 -0.41
N PRO A 328 27.00 -16.85 -0.17
CA PRO A 328 28.10 -16.83 0.79
C PRO A 328 29.32 -16.08 0.24
N HIS A 329 29.97 -15.32 1.11
CA HIS A 329 31.17 -14.58 0.75
C HIS A 329 32.09 -14.49 1.95
N PHE A 330 33.38 -14.37 1.68
CA PHE A 330 34.40 -14.24 2.71
C PHE A 330 34.80 -12.78 2.85
N THR A 331 34.60 -12.23 4.05
CA THR A 331 34.90 -10.84 4.33
C THR A 331 35.99 -10.77 5.40
N CYS A 332 36.80 -9.72 5.32
CA CYS A 332 37.90 -9.49 6.24
C CYS A 332 37.68 -8.16 6.97
N SER A 333 38.65 -7.80 7.82
CA SER A 333 38.51 -6.58 8.60
C SER A 333 38.98 -5.34 7.84
N VAL A 334 39.77 -5.54 6.78
CA VAL A 334 40.36 -4.42 6.05
C VAL A 334 39.96 -4.48 4.58
N ASP A 335 39.23 -5.52 4.20
CA ASP A 335 38.83 -5.68 2.80
C ASP A 335 38.00 -4.49 2.34
N THR A 336 38.51 -3.74 1.36
CA THR A 336 37.78 -2.59 0.85
C THR A 336 36.72 -3.01 -0.16
N GLU A 337 36.99 -4.07 -0.93
CA GLU A 337 36.04 -4.54 -1.92
C GLU A 337 34.93 -5.36 -1.26
N ASN A 338 34.18 -4.74 -0.36
CA ASN A 338 33.11 -5.41 0.37
C ASN A 338 31.71 -5.03 -0.11
N ALA A 339 31.49 -3.76 -0.45
CA ALA A 339 30.16 -3.35 -0.90
C ALA A 339 29.87 -3.88 -2.32
N ARG A 340 30.91 -4.10 -3.11
CA ARG A 340 30.71 -4.66 -4.44
C ARG A 340 30.03 -6.02 -4.37
N ARG A 341 30.33 -6.80 -3.33
CA ARG A 341 29.68 -8.08 -3.15
C ARG A 341 28.17 -7.92 -2.99
N ILE A 342 27.76 -6.99 -2.10
CA ILE A 342 26.35 -6.74 -1.89
C ILE A 342 25.70 -6.23 -3.17
N PHE A 343 26.41 -5.35 -3.90
CA PHE A 343 25.87 -4.84 -5.15
C PHE A 343 25.59 -5.98 -6.14
N ASN A 344 26.58 -6.85 -6.33
CA ASN A 344 26.41 -7.96 -7.27
C ASN A 344 25.28 -8.89 -6.82
N ASP A 345 25.24 -9.20 -5.52
CA ASP A 345 24.20 -10.10 -5.02
C ASP A 345 22.82 -9.50 -5.23
N CYS A 346 22.65 -8.21 -4.93
CA CYS A 346 21.36 -7.56 -5.09
C CYS A 346 20.97 -7.51 -6.57
N LYS A 347 21.92 -7.22 -7.44
CA LYS A 347 21.62 -7.17 -8.87
C LYS A 347 21.18 -8.55 -9.37
N ASP A 348 21.88 -9.61 -8.95
CA ASP A 348 21.50 -10.95 -9.37
C ASP A 348 20.12 -11.32 -8.83
N ILE A 349 19.83 -10.96 -7.58
CA ILE A 349 18.54 -11.28 -6.99
C ILE A 349 17.42 -10.55 -7.72
N ILE A 350 17.62 -9.27 -8.05
CA ILE A 350 16.59 -8.52 -8.76
C ILE A 350 16.41 -9.06 -10.17
N LEU A 351 17.51 -9.47 -10.82
CA LEU A 351 17.40 -10.07 -12.14
C LEU A 351 16.60 -11.36 -12.09
N GLN A 352 16.85 -12.20 -11.09
CA GLN A 352 16.10 -13.45 -10.96
C GLN A 352 14.63 -13.18 -10.66
N MET A 353 14.34 -12.19 -9.81
CA MET A 353 12.95 -11.83 -9.54
C MET A 353 12.26 -11.35 -10.81
N ASN A 354 12.94 -10.53 -11.61
CA ASN A 354 12.36 -10.07 -12.86
C ASN A 354 12.10 -11.24 -13.81
N LEU A 355 13.07 -12.15 -13.93
CA LEU A 355 12.87 -13.34 -14.75
C LEU A 355 11.66 -14.13 -14.30
N ARG A 356 11.47 -14.28 -12.99
CA ARG A 356 10.31 -14.99 -12.49
C ARG A 356 9.01 -14.23 -12.80
N GLU A 357 9.04 -12.91 -12.70
CA GLU A 357 7.85 -12.12 -12.97
C GLU A 357 7.46 -12.22 -14.44
N TYR A 358 8.42 -12.07 -15.34
CA TYR A 358 8.18 -12.16 -16.78
C TYR A 358 7.99 -13.60 -17.26
N ASN A 359 7.90 -14.56 -16.34
CA ASN A 359 7.67 -15.97 -16.70
C ASN A 359 8.76 -16.47 -17.64
N LEU A 360 9.99 -16.05 -17.42
CA LEU A 360 11.14 -16.54 -18.18
C LEU A 360 11.86 -17.69 -17.48
N VAL A 361 11.43 -18.08 -16.29
CA VAL A 361 12.06 -19.16 -15.55
C VAL A 361 11.02 -19.86 -14.67
N GLU B 8 13.20 -21.93 50.35
CA GLU B 8 12.26 -20.80 50.09
C GLU B 8 11.70 -20.88 48.68
N LEU B 9 12.60 -20.98 47.70
CA LEU B 9 12.18 -21.06 46.30
C LEU B 9 11.21 -22.23 46.08
N ASP B 10 11.49 -23.37 46.70
CA ASP B 10 10.61 -24.52 46.55
C ASP B 10 9.22 -24.24 47.14
N GLN B 11 9.18 -23.56 48.29
CA GLN B 11 7.90 -23.22 48.89
C GLN B 11 7.10 -22.28 47.99
N LEU B 12 7.76 -21.28 47.40
CA LEU B 12 7.07 -20.37 46.50
C LEU B 12 6.58 -21.09 45.25
N ARG B 13 7.38 -22.02 44.73
CA ARG B 13 6.97 -22.78 43.55
C ARG B 13 5.74 -23.62 43.87
N GLN B 14 5.75 -24.31 45.03
CA GLN B 14 4.60 -25.12 45.41
C GLN B 14 3.37 -24.26 45.63
N GLU B 15 3.54 -23.08 46.23
CA GLU B 15 2.41 -22.18 46.43
C GLU B 15 1.84 -21.72 45.10
N ALA B 16 2.71 -21.38 44.14
CA ALA B 16 2.23 -20.96 42.83
C ALA B 16 1.49 -22.11 42.13
N GLU B 17 2.02 -23.32 42.23
CA GLU B 17 1.34 -24.46 41.63
C GLU B 17 -0.03 -24.69 42.25
N GLN B 18 -0.11 -24.60 43.58
CA GLN B 18 -1.40 -24.79 44.25
C GLN B 18 -2.38 -23.69 43.86
N LEU B 19 -1.90 -22.45 43.73
CA LEU B 19 -2.77 -21.36 43.30
C LEU B 19 -3.28 -21.59 41.88
N LYS B 20 -2.40 -22.05 40.98
CA LYS B 20 -2.84 -22.33 39.62
C LYS B 20 -3.88 -23.45 39.60
N ASN B 21 -3.65 -24.50 40.39
CA ASN B 21 -4.62 -25.59 40.45
C ASN B 21 -5.97 -25.09 40.99
N GLN B 22 -5.93 -24.25 42.03
CA GLN B 22 -7.17 -23.73 42.59
C GLN B 22 -7.90 -22.85 41.57
N ILE B 23 -7.16 -22.03 40.82
CA ILE B 23 -7.78 -21.19 39.81
C ILE B 23 -8.43 -22.06 38.74
N ARG B 24 -7.72 -23.10 38.30
CA ARG B 24 -8.28 -23.99 37.28
C ARG B 24 -9.53 -24.68 37.79
N ASP B 25 -9.52 -25.14 39.05
CA ASP B 25 -10.70 -25.80 39.61
C ASP B 25 -11.87 -24.84 39.69
N ALA B 26 -11.63 -23.61 40.16
CA ALA B 26 -12.71 -22.63 40.26
C ALA B 26 -13.26 -22.29 38.89
N ARG B 27 -12.40 -22.20 37.88
CA ARG B 27 -12.86 -21.89 36.53
C ARG B 27 -13.66 -23.03 35.95
N LYS B 28 -13.24 -24.27 36.20
CA LYS B 28 -13.99 -25.42 35.67
C LYS B 28 -15.31 -25.61 36.40
N ALA B 29 -15.38 -25.24 37.68
CA ALA B 29 -16.62 -25.41 38.43
C ALA B 29 -17.76 -24.62 37.82
N CYS B 30 -17.50 -23.38 37.42
CA CYS B 30 -18.53 -22.52 36.84
C CYS B 30 -18.88 -22.91 35.41
N ALA B 31 -18.20 -23.90 34.83
CA ALA B 31 -18.46 -24.33 33.45
C ALA B 31 -19.70 -25.22 33.40
N ASP B 32 -20.85 -24.63 33.75
CA ASP B 32 -22.11 -25.37 33.75
C ASP B 32 -22.51 -25.73 32.33
N ALA B 33 -22.47 -24.77 31.41
CA ALA B 33 -22.83 -25.00 30.03
C ALA B 33 -22.01 -24.08 29.13
N THR B 34 -21.88 -24.48 27.87
CA THR B 34 -21.13 -23.72 26.89
C THR B 34 -22.05 -22.77 26.13
N LEU B 35 -21.45 -21.74 25.55
CA LEU B 35 -22.22 -20.76 24.78
C LEU B 35 -22.97 -21.42 23.63
N SER B 36 -22.42 -22.49 23.07
CA SER B 36 -23.07 -23.16 21.94
C SER B 36 -24.44 -23.69 22.33
N GLN B 37 -24.49 -24.44 23.44
CA GLN B 37 -25.76 -25.05 23.87
C GLN B 37 -26.85 -23.99 24.03
N ILE B 38 -26.48 -22.80 24.50
CA ILE B 38 -27.48 -21.76 24.73
C ILE B 38 -27.79 -21.01 23.43
N THR B 39 -26.85 -20.98 22.49
CA THR B 39 -27.03 -20.27 21.23
C THR B 39 -27.52 -21.18 20.10
N ASN B 40 -27.86 -22.43 20.40
CA ASN B 40 -28.35 -23.32 19.34
C ASN B 40 -29.82 -23.06 19.03
N ASN B 41 -30.59 -22.53 19.98
CA ASN B 41 -32.00 -22.28 19.78
C ASN B 41 -32.28 -20.98 19.03
N ILE B 42 -31.30 -20.09 18.92
CA ILE B 42 -31.50 -18.83 18.24
C ILE B 42 -31.44 -19.04 16.73
N ASP B 43 -32.15 -18.20 15.98
CA ASP B 43 -32.18 -18.33 14.55
C ASP B 43 -30.77 -18.13 13.96
N PRO B 44 -30.47 -18.75 12.82
CA PRO B 44 -29.13 -18.60 12.24
C PRO B 44 -28.94 -17.21 11.63
N VAL B 45 -27.68 -16.77 11.64
CA VAL B 45 -27.36 -15.46 11.07
C VAL B 45 -27.48 -15.49 9.55
N GLY B 46 -27.27 -16.65 8.93
CA GLY B 46 -27.35 -16.76 7.49
C GLY B 46 -26.08 -16.24 6.82
N ARG B 47 -26.12 -16.26 5.48
CA ARG B 47 -25.00 -15.80 4.69
C ARG B 47 -24.99 -14.28 4.62
N ILE B 48 -23.80 -13.69 4.76
CA ILE B 48 -23.60 -12.24 4.70
C ILE B 48 -22.71 -11.98 3.49
N GLN B 49 -23.34 -11.69 2.35
CA GLN B 49 -22.61 -11.44 1.10
C GLN B 49 -22.22 -9.96 1.08
N MET B 50 -20.97 -9.68 1.43
CA MET B 50 -20.45 -8.33 1.46
C MET B 50 -19.82 -7.97 0.12
N ARG B 51 -19.96 -6.70 -0.27
CA ARG B 51 -19.41 -6.21 -1.53
C ARG B 51 -18.52 -5.00 -1.25
N THR B 52 -17.47 -4.87 -2.07
CA THR B 52 -16.53 -3.76 -1.94
C THR B 52 -17.16 -2.51 -2.53
N ARG B 53 -17.37 -1.49 -1.68
CA ARG B 53 -17.96 -0.25 -2.13
C ARG B 53 -16.91 0.78 -2.56
N ARG B 54 -15.77 0.81 -1.87
CA ARG B 54 -14.70 1.74 -2.18
C ARG B 54 -13.37 0.99 -2.23
N THR B 55 -12.48 1.45 -3.11
CA THR B 55 -11.16 0.86 -3.27
C THR B 55 -10.13 1.96 -3.20
N LEU B 56 -9.25 1.89 -2.20
CA LEU B 56 -8.23 2.92 -1.97
C LEU B 56 -6.94 2.50 -2.66
N ARG B 57 -6.46 3.34 -3.58
CA ARG B 57 -5.27 3.06 -4.35
C ARG B 57 -4.15 4.08 -4.08
N GLY B 58 -4.05 4.58 -2.85
CA GLY B 58 -3.06 5.58 -2.52
C GLY B 58 -1.82 5.02 -1.86
N HIS B 59 -1.99 4.09 -0.92
CA HIS B 59 -0.86 3.54 -0.20
C HIS B 59 0.07 2.81 -1.16
N LEU B 60 1.38 2.98 -0.94
CA LEU B 60 2.40 2.38 -1.79
C LEU B 60 2.87 1.04 -1.23
N ALA B 61 3.17 0.98 0.06
CA ALA B 61 3.69 -0.22 0.69
C ALA B 61 2.56 -1.00 1.36
N LYS B 62 2.94 -2.04 2.09
CA LYS B 62 1.98 -2.90 2.76
C LYS B 62 1.24 -2.14 3.85
N ILE B 63 -0.09 -2.15 3.78
CA ILE B 63 -0.92 -1.54 4.82
C ILE B 63 -0.88 -2.46 6.03
N TYR B 64 -0.40 -1.93 7.16
CA TYR B 64 -0.19 -2.74 8.36
C TYR B 64 -1.07 -2.33 9.53
N ALA B 65 -1.70 -1.16 9.49
CA ALA B 65 -2.51 -0.69 10.61
C ALA B 65 -3.59 0.24 10.10
N MET B 66 -4.62 0.43 10.93
CA MET B 66 -5.73 1.32 10.63
C MET B 66 -6.63 1.40 11.85
N HIS B 67 -7.46 2.44 11.87
CA HIS B 67 -8.37 2.66 13.01
C HIS B 67 -9.44 3.65 12.59
N TRP B 68 -10.64 3.46 13.13
CA TRP B 68 -11.77 4.35 12.84
C TRP B 68 -11.92 5.35 13.98
N GLY B 69 -11.94 6.64 13.63
CA GLY B 69 -12.14 7.68 14.60
C GLY B 69 -13.61 7.80 15.00
N THR B 70 -13.89 8.86 15.78
CA THR B 70 -15.26 9.10 16.22
C THR B 70 -16.20 9.23 15.02
N ASP B 71 -15.71 9.80 13.92
CA ASP B 71 -16.50 9.96 12.70
C ASP B 71 -16.19 8.82 11.75
N SER B 72 -17.23 8.17 11.24
CA SER B 72 -17.07 7.03 10.34
C SER B 72 -16.72 7.46 8.92
N ARG B 73 -16.50 8.75 8.67
CA ARG B 73 -16.16 9.22 7.33
C ARG B 73 -14.66 9.27 7.09
N LEU B 74 -13.87 9.59 8.11
CA LEU B 74 -12.42 9.65 8.01
C LEU B 74 -11.80 8.34 8.49
N LEU B 75 -10.82 7.84 7.75
CA LEU B 75 -10.15 6.59 8.05
C LEU B 75 -8.65 6.77 7.95
N VAL B 76 -7.93 6.40 8.99
CA VAL B 76 -6.48 6.47 9.02
C VAL B 76 -5.91 5.08 8.79
N SER B 77 -4.81 5.00 8.04
CA SER B 77 -4.17 3.73 7.75
C SER B 77 -2.69 3.97 7.54
N ALA B 78 -1.86 3.04 8.05
CA ALA B 78 -0.42 3.17 8.00
C ALA B 78 0.16 2.16 7.01
N SER B 79 1.27 2.53 6.38
CA SER B 79 1.96 1.67 5.42
C SER B 79 3.46 1.68 5.74
N GLN B 80 4.13 0.60 5.33
CA GLN B 80 5.55 0.46 5.62
C GLN B 80 6.39 1.52 4.90
N ASP B 81 5.81 2.27 3.98
CA ASP B 81 6.54 3.32 3.28
C ASP B 81 6.69 4.59 4.11
N GLY B 82 6.10 4.64 5.31
CA GLY B 82 6.19 5.82 6.14
C GLY B 82 5.18 6.89 5.79
N LYS B 83 3.95 6.50 5.43
CA LYS B 83 2.91 7.44 5.05
C LYS B 83 1.63 7.10 5.79
N LEU B 84 1.01 8.12 6.38
CA LEU B 84 -0.30 8.00 7.02
C LEU B 84 -1.29 8.86 6.25
N ILE B 85 -2.27 8.21 5.61
CA ILE B 85 -3.24 8.88 4.77
C ILE B 85 -4.60 8.82 5.46
N ILE B 86 -5.18 9.99 5.73
CA ILE B 86 -6.51 10.08 6.32
C ILE B 86 -7.51 9.98 5.17
N TRP B 87 -8.06 8.78 4.96
CA TRP B 87 -8.93 8.52 3.82
C TRP B 87 -10.36 8.94 4.13
N ASP B 88 -10.99 9.61 3.17
CA ASP B 88 -12.39 9.98 3.25
C ASP B 88 -13.22 8.83 2.66
N SER B 89 -13.80 8.00 3.54
CA SER B 89 -14.51 6.81 3.08
C SER B 89 -15.62 7.18 2.09
N TYR B 90 -16.35 8.26 2.37
CA TYR B 90 -17.47 8.63 1.51
C TYR B 90 -16.99 9.03 0.12
N THR B 91 -16.14 10.06 0.05
CA THR B 91 -15.71 10.60 -1.24
C THR B 91 -14.41 9.99 -1.73
N THR B 92 -13.73 9.17 -0.94
CA THR B 92 -12.48 8.50 -1.29
C THR B 92 -11.31 9.49 -1.34
N ASN B 93 -11.53 10.78 -1.11
CA ASN B 93 -10.46 11.75 -1.18
C ASN B 93 -9.45 11.52 -0.05
N LYS B 94 -8.32 12.23 -0.16
CA LYS B 94 -7.25 12.16 0.82
C LYS B 94 -7.20 13.48 1.58
N VAL B 95 -7.36 13.39 2.91
CA VAL B 95 -7.42 14.61 3.72
C VAL B 95 -6.01 15.09 4.06
N HIS B 96 -5.21 14.25 4.70
CA HIS B 96 -3.85 14.61 5.11
C HIS B 96 -2.90 13.48 4.77
N ALA B 97 -1.68 13.87 4.35
CA ALA B 97 -0.59 12.94 4.10
C ALA B 97 0.54 13.27 5.07
N ILE B 98 0.93 12.29 5.88
CA ILE B 98 1.90 12.52 6.96
C ILE B 98 3.18 11.74 6.67
N PRO B 99 4.19 12.36 6.06
CA PRO B 99 5.48 11.66 5.91
C PRO B 99 6.08 11.31 7.27
N LEU B 100 6.29 10.01 7.48
CA LEU B 100 6.79 9.51 8.75
C LEU B 100 8.31 9.45 8.75
N ARG B 101 8.91 9.80 9.89
CA ARG B 101 10.36 9.69 10.03
C ARG B 101 10.81 8.24 10.06
N SER B 102 9.97 7.34 10.59
CA SER B 102 10.26 5.92 10.66
C SER B 102 9.41 5.21 9.62
N SER B 103 10.05 4.59 8.63
CA SER B 103 9.31 3.92 7.57
C SER B 103 8.62 2.67 8.09
N TRP B 104 9.27 1.93 8.98
CA TRP B 104 8.73 0.68 9.49
C TRP B 104 7.66 0.93 10.56
N VAL B 105 6.56 1.58 10.17
CA VAL B 105 5.45 1.82 11.06
C VAL B 105 4.55 0.59 11.07
N MET B 106 4.12 0.17 12.26
CA MET B 106 3.30 -1.02 12.41
C MET B 106 1.98 -0.76 13.13
N THR B 107 1.74 0.45 13.61
CA THR B 107 0.51 0.77 14.33
C THR B 107 0.09 2.20 14.04
N CYS B 108 -1.21 2.46 14.19
CA CYS B 108 -1.76 3.80 14.01
C CYS B 108 -3.16 3.82 14.61
N ALA B 109 -3.51 4.96 15.20
CA ALA B 109 -4.81 5.13 15.83
C ALA B 109 -5.29 6.57 15.62
N TYR B 110 -6.60 6.72 15.52
CA TYR B 110 -7.24 8.02 15.34
C TYR B 110 -7.90 8.41 16.66
N ALA B 111 -7.39 9.47 17.29
CA ALA B 111 -7.88 9.94 18.57
C ALA B 111 -9.40 10.13 18.53
N PRO B 112 -10.10 9.98 19.66
CA PRO B 112 -11.56 10.17 19.63
C PRO B 112 -11.97 11.59 19.28
N SER B 113 -11.24 12.59 19.78
CA SER B 113 -11.57 13.98 19.47
C SER B 113 -11.34 14.30 17.99
N GLY B 114 -10.62 13.46 17.27
CA GLY B 114 -10.36 13.71 15.86
C GLY B 114 -9.32 14.76 15.59
N ASN B 115 -8.47 15.07 16.58
CA ASN B 115 -7.44 16.10 16.43
C ASN B 115 -6.03 15.53 16.36
N TYR B 116 -5.78 14.39 16.99
CA TYR B 116 -4.47 13.78 17.05
C TYR B 116 -4.51 12.37 16.50
N VAL B 117 -3.37 11.91 15.98
CA VAL B 117 -3.21 10.56 15.46
C VAL B 117 -1.83 10.05 15.85
N ALA B 118 -1.78 8.84 16.40
CA ALA B 118 -0.54 8.25 16.87
C ALA B 118 -0.04 7.19 15.89
N CYS B 119 1.19 6.74 16.12
CA CYS B 119 1.81 5.72 15.29
C CYS B 119 2.99 5.14 16.06
N GLY B 120 3.55 4.07 15.52
CA GLY B 120 4.69 3.43 16.13
C GLY B 120 5.18 2.28 15.29
N GLY B 121 6.32 1.73 15.70
CA GLY B 121 6.92 0.62 14.99
C GLY B 121 8.24 0.17 15.57
N LEU B 122 9.20 -0.13 14.70
CA LEU B 122 10.52 -0.59 15.16
C LEU B 122 11.34 0.52 15.77
N ASP B 123 11.08 1.78 15.41
CA ASP B 123 11.84 2.89 15.96
C ASP B 123 11.69 3.03 17.46
N ASN B 124 10.65 2.42 18.03
CA ASN B 124 10.35 2.47 19.47
C ASN B 124 9.91 3.85 19.93
N ILE B 125 9.59 4.75 19.00
CA ILE B 125 9.19 6.11 19.33
C ILE B 125 7.78 6.32 18.79
N CYS B 126 6.85 6.68 19.67
CA CYS B 126 5.47 6.96 19.30
C CYS B 126 5.35 8.44 18.96
N SER B 127 5.05 8.73 17.70
CA SER B 127 4.93 10.11 17.22
C SER B 127 3.44 10.43 17.05
N ILE B 128 2.94 11.32 17.90
CA ILE B 128 1.54 11.75 17.84
C ILE B 128 1.48 12.99 16.96
N TYR B 129 0.78 12.89 15.84
CA TYR B 129 0.66 13.98 14.88
C TYR B 129 -0.65 14.74 15.12
N ASN B 130 -0.55 16.06 15.25
CA ASN B 130 -1.72 16.90 15.44
C ASN B 130 -2.28 17.30 14.08
N LEU B 131 -3.56 17.03 13.86
CA LEU B 131 -4.23 17.34 12.61
C LEU B 131 -4.98 18.67 12.64
N LYS B 132 -4.95 19.38 13.77
CA LYS B 132 -5.62 20.67 13.90
C LYS B 132 -4.63 21.77 14.23
N THR B 133 -3.41 21.67 13.72
CA THR B 133 -2.40 22.68 14.01
C THR B 133 -2.78 24.01 13.35
N ARG B 134 -2.55 25.10 14.11
CA ARG B 134 -2.84 26.43 13.58
C ARG B 134 -1.97 26.77 12.38
N GLU B 135 -0.84 26.09 12.20
CA GLU B 135 0.03 26.34 11.06
C GLU B 135 -0.41 25.60 9.81
N GLY B 136 -1.42 24.74 9.90
CA GLY B 136 -1.94 24.01 8.77
C GLY B 136 -1.23 22.71 8.46
N ASN B 137 0.10 22.73 8.43
CA ASN B 137 0.85 21.52 8.14
C ASN B 137 0.87 20.59 9.34
N VAL B 138 0.96 19.29 9.06
CA VAL B 138 1.01 18.29 10.12
C VAL B 138 2.37 18.38 10.82
N ARG B 139 2.35 18.42 12.14
CA ARG B 139 3.56 18.55 12.94
C ARG B 139 3.54 17.52 14.06
N VAL B 140 4.73 17.05 14.43
CA VAL B 140 4.89 16.09 15.51
C VAL B 140 4.62 16.79 16.84
N SER B 141 3.48 16.50 17.46
CA SER B 141 3.14 17.13 18.73
C SER B 141 4.11 16.69 19.82
N ARG B 142 4.20 15.40 20.08
CA ARG B 142 5.08 14.86 21.10
C ARG B 142 5.69 13.56 20.60
N GLU B 143 7.01 13.54 20.45
CA GLU B 143 7.72 12.34 20.03
C GLU B 143 8.27 11.61 21.26
N LEU B 144 7.35 11.15 22.10
CA LEU B 144 7.72 10.48 23.33
C LEU B 144 8.36 9.12 23.03
N ALA B 145 9.18 8.66 23.97
CA ALA B 145 9.86 7.38 23.83
C ALA B 145 10.23 6.88 25.22
N GLY B 146 10.89 5.72 25.26
CA GLY B 146 11.29 5.12 26.51
C GLY B 146 11.17 3.62 26.52
N HIS B 147 10.46 3.07 25.52
CA HIS B 147 10.30 1.63 25.42
C HIS B 147 11.57 0.99 24.86
N THR B 148 11.84 -0.24 25.33
CA THR B 148 12.98 -1.03 24.88
C THR B 148 12.59 -2.06 23.83
N GLY B 149 11.56 -1.79 23.04
CA GLY B 149 11.12 -2.72 22.02
C GLY B 149 10.21 -2.04 21.03
N TYR B 150 9.95 -2.75 19.93
CA TYR B 150 9.10 -2.22 18.88
C TYR B 150 7.69 -1.98 19.39
N LEU B 151 7.06 -0.90 18.92
CA LEU B 151 5.70 -0.56 19.32
C LEU B 151 4.73 -1.40 18.49
N SER B 152 3.94 -2.24 19.17
CA SER B 152 3.02 -3.12 18.47
C SER B 152 1.64 -2.50 18.27
N CYS B 153 1.18 -1.68 19.21
CA CYS B 153 -0.14 -1.08 19.10
C CYS B 153 -0.20 0.17 19.96
N CYS B 154 -1.11 1.07 19.59
CA CYS B 154 -1.29 2.33 20.30
C CYS B 154 -2.76 2.73 20.17
N ARG B 155 -3.32 3.27 21.26
CA ARG B 155 -4.70 3.68 21.27
C ARG B 155 -4.86 4.88 22.19
N PHE B 156 -5.68 5.85 21.78
CA PHE B 156 -5.92 7.04 22.57
C PHE B 156 -7.03 6.80 23.58
N LEU B 157 -6.84 7.31 24.79
CA LEU B 157 -7.88 7.29 25.82
C LEU B 157 -8.57 8.63 25.96
N ASP B 158 -7.88 9.74 25.70
CA ASP B 158 -8.46 11.07 25.74
C ASP B 158 -7.52 12.00 24.97
N ASP B 159 -7.79 13.30 25.06
CA ASP B 159 -6.99 14.28 24.32
C ASP B 159 -5.58 14.43 24.89
N ASN B 160 -5.27 13.80 26.03
CA ASN B 160 -3.96 13.93 26.65
C ASN B 160 -3.35 12.60 27.08
N GLN B 161 -4.12 11.52 27.14
CA GLN B 161 -3.62 10.22 27.57
C GLN B 161 -3.66 9.24 26.40
N ILE B 162 -2.61 8.45 26.27
CA ILE B 162 -2.50 7.45 25.22
C ILE B 162 -1.76 6.24 25.76
N VAL B 163 -2.33 5.05 25.55
CA VAL B 163 -1.72 3.79 25.96
C VAL B 163 -1.05 3.17 24.74
N THR B 164 0.13 2.58 24.94
CA THR B 164 0.90 2.00 23.86
C THR B 164 1.53 0.70 24.32
N SER B 165 1.60 -0.26 23.41
CA SER B 165 2.24 -1.55 23.66
C SER B 165 3.58 -1.60 22.95
N SER B 166 4.54 -2.30 23.56
CA SER B 166 5.87 -2.41 23.03
C SER B 166 6.32 -3.87 23.08
N GLY B 167 7.33 -4.19 22.25
CA GLY B 167 7.89 -5.52 22.23
C GLY B 167 8.62 -5.91 23.50
N ASP B 168 8.83 -4.96 24.41
CA ASP B 168 9.54 -5.24 25.67
C ASP B 168 8.72 -6.06 26.65
N THR B 169 7.56 -6.58 26.26
CA THR B 169 6.70 -7.44 27.09
C THR B 169 5.96 -6.64 28.16
N THR B 170 5.95 -5.31 28.08
CA THR B 170 5.31 -4.47 29.07
C THR B 170 4.59 -3.31 28.38
N CYS B 171 3.43 -2.95 28.91
CA CYS B 171 2.65 -1.82 28.44
C CYS B 171 2.79 -0.66 29.41
N ALA B 172 2.47 0.54 28.92
CA ALA B 172 2.58 1.74 29.73
C ALA B 172 1.61 2.79 29.21
N LEU B 173 1.16 3.65 30.12
CA LEU B 173 0.29 4.77 29.80
C LEU B 173 1.13 6.05 29.79
N TRP B 174 1.08 6.78 28.69
CA TRP B 174 1.91 7.96 28.48
C TRP B 174 1.10 9.23 28.66
N ASP B 175 1.74 10.25 29.22
CA ASP B 175 1.15 11.57 29.37
C ASP B 175 1.72 12.47 28.27
N ILE B 176 0.86 12.85 27.32
CA ILE B 176 1.32 13.65 26.18
C ILE B 176 1.92 14.97 26.66
N GLU B 177 1.18 15.69 27.51
CA GLU B 177 1.67 16.98 27.98
C GLU B 177 3.00 16.84 28.71
N THR B 178 3.07 15.90 29.66
CA THR B 178 4.30 15.71 30.42
C THR B 178 5.35 14.94 29.63
N GLY B 179 4.94 14.11 28.68
CA GLY B 179 5.88 13.35 27.90
C GLY B 179 6.62 12.28 28.66
N GLN B 180 5.98 11.67 29.66
CA GLN B 180 6.59 10.63 30.47
C GLN B 180 5.55 9.57 30.80
N GLN B 181 6.05 8.40 31.19
CA GLN B 181 5.16 7.29 31.51
C GLN B 181 4.36 7.60 32.77
N THR B 182 3.03 7.52 32.66
CA THR B 182 2.17 7.71 33.82
C THR B 182 2.15 6.47 34.70
N THR B 183 2.13 5.29 34.08
CA THR B 183 2.16 4.03 34.81
C THR B 183 2.66 2.94 33.87
N THR B 184 3.32 1.94 34.46
CA THR B 184 3.89 0.83 33.72
C THR B 184 3.15 -0.45 34.07
N PHE B 185 2.80 -1.23 33.05
CA PHE B 185 2.09 -2.49 33.20
C PHE B 185 3.04 -3.63 32.83
N THR B 186 3.26 -4.55 33.76
CA THR B 186 4.14 -5.69 33.55
C THR B 186 3.42 -6.97 33.92
N GLY B 187 3.95 -8.09 33.43
CA GLY B 187 3.37 -9.39 33.71
C GLY B 187 3.43 -10.33 32.52
N HIS B 188 3.48 -9.78 31.32
CA HIS B 188 3.54 -10.60 30.12
C HIS B 188 4.94 -11.17 29.94
N THR B 189 5.02 -12.47 29.64
CA THR B 189 6.32 -13.09 29.41
C THR B 189 6.80 -12.90 27.98
N GLY B 190 5.89 -12.71 27.03
CA GLY B 190 6.24 -12.52 25.63
C GLY B 190 5.99 -11.09 25.19
N ASP B 191 6.50 -10.79 23.99
CA ASP B 191 6.36 -9.45 23.44
C ASP B 191 4.89 -9.13 23.19
N VAL B 192 4.46 -7.96 23.65
CA VAL B 192 3.07 -7.55 23.47
C VAL B 192 2.83 -7.26 21.99
N MET B 193 1.69 -7.73 21.49
CA MET B 193 1.36 -7.60 20.06
C MET B 193 0.04 -6.89 19.81
N SER B 194 -0.97 -7.08 20.66
CA SER B 194 -2.29 -6.50 20.44
C SER B 194 -2.72 -5.71 21.66
N LEU B 195 -3.59 -4.72 21.42
CA LEU B 195 -4.11 -3.88 22.49
C LEU B 195 -5.43 -3.28 22.02
N SER B 196 -6.46 -3.37 22.87
CA SER B 196 -7.77 -2.83 22.56
C SER B 196 -8.34 -2.16 23.80
N LEU B 197 -9.01 -1.04 23.59
CA LEU B 197 -9.60 -0.27 24.68
C LEU B 197 -11.07 -0.64 24.86
N ALA B 198 -11.51 -0.62 26.12
CA ALA B 198 -12.90 -0.90 26.43
C ALA B 198 -13.77 0.32 26.11
N PRO B 199 -15.07 0.11 25.87
CA PRO B 199 -15.94 1.26 25.57
C PRO B 199 -16.04 2.24 26.72
N ASP B 200 -16.07 1.76 27.96
CA ASP B 200 -16.16 2.64 29.12
C ASP B 200 -14.84 3.33 29.43
N THR B 201 -13.76 2.97 28.76
CA THR B 201 -12.43 3.56 28.95
C THR B 201 -11.84 3.23 30.31
N ARG B 202 -12.47 2.34 31.08
CA ARG B 202 -11.96 2.01 32.41
C ARG B 202 -10.85 0.97 32.34
N LEU B 203 -11.02 -0.06 31.51
CA LEU B 203 -10.07 -1.16 31.42
C LEU B 203 -9.65 -1.35 29.97
N PHE B 204 -8.53 -2.04 29.78
CA PHE B 204 -8.02 -2.36 28.46
C PHE B 204 -7.35 -3.73 28.51
N VAL B 205 -7.49 -4.48 27.41
CA VAL B 205 -6.94 -5.83 27.29
C VAL B 205 -5.87 -5.82 26.21
N SER B 206 -4.83 -6.62 26.40
CA SER B 206 -3.73 -6.69 25.46
C SER B 206 -3.21 -8.12 25.38
N GLY B 207 -2.76 -8.50 24.18
CA GLY B 207 -2.19 -9.82 23.97
C GLY B 207 -0.71 -9.74 23.64
N ALA B 208 0.01 -10.84 23.88
CA ALA B 208 1.46 -10.89 23.66
C ALA B 208 1.82 -12.21 22.98
N CYS B 209 3.11 -12.37 22.70
CA CYS B 209 3.58 -13.60 22.07
C CYS B 209 3.27 -14.83 22.90
N ASP B 210 3.11 -14.69 24.21
CA ASP B 210 2.74 -15.81 25.05
C ASP B 210 1.29 -16.20 24.77
N ALA B 211 1.01 -17.50 24.88
CA ALA B 211 -0.32 -18.03 24.63
C ALA B 211 -1.25 -17.74 25.81
N SER B 212 -1.45 -16.45 26.06
CA SER B 212 -2.28 -16.01 27.17
C SER B 212 -2.63 -14.54 26.98
N ALA B 213 -3.67 -14.11 27.67
CA ALA B 213 -4.13 -12.73 27.65
C ALA B 213 -4.33 -12.25 29.09
N LYS B 214 -4.34 -10.93 29.25
CA LYS B 214 -4.47 -10.32 30.56
C LYS B 214 -5.36 -9.08 30.48
N LEU B 215 -6.21 -8.89 31.48
CA LEU B 215 -7.02 -7.69 31.61
C LEU B 215 -6.29 -6.68 32.47
N TRP B 216 -6.29 -5.42 32.04
CA TRP B 216 -5.55 -4.36 32.70
C TRP B 216 -6.49 -3.21 33.06
N ASP B 217 -6.17 -2.54 34.16
CA ASP B 217 -6.94 -1.40 34.64
C ASP B 217 -6.13 -0.13 34.38
N VAL B 218 -6.82 0.91 33.92
CA VAL B 218 -6.14 2.17 33.59
C VAL B 218 -5.86 2.98 34.86
N ARG B 219 -6.77 2.94 35.84
CA ARG B 219 -6.58 3.74 37.05
C ARG B 219 -5.62 3.07 38.02
N GLU B 220 -5.61 1.74 38.08
CA GLU B 220 -4.71 1.00 38.95
C GLU B 220 -3.72 0.23 38.09
N GLY B 221 -2.43 0.37 38.40
CA GLY B 221 -1.39 -0.31 37.66
C GLY B 221 -1.29 -1.78 38.00
N MET B 222 -2.32 -2.55 37.65
CA MET B 222 -2.34 -3.98 37.94
C MET B 222 -3.36 -4.65 37.04
N CYS B 223 -3.15 -5.94 36.79
CA CYS B 223 -4.05 -6.73 35.97
C CYS B 223 -5.10 -7.40 36.85
N ARG B 224 -6.34 -7.42 36.38
CA ARG B 224 -7.43 -7.99 37.17
C ARG B 224 -7.63 -9.47 36.87
N GLN B 225 -7.46 -9.88 35.61
CA GLN B 225 -7.67 -11.26 35.22
C GLN B 225 -6.61 -11.67 34.21
N THR B 226 -6.36 -12.98 34.14
CA THR B 226 -5.39 -13.56 33.21
C THR B 226 -6.03 -14.75 32.53
N PHE B 227 -5.96 -14.78 31.19
CA PHE B 227 -6.51 -15.87 30.39
C PHE B 227 -5.37 -16.61 29.71
N THR B 228 -5.29 -17.91 29.95
CA THR B 228 -4.26 -18.76 29.35
C THR B 228 -4.84 -19.77 28.37
N GLY B 229 -6.04 -19.51 27.85
CA GLY B 229 -6.67 -20.42 26.91
C GLY B 229 -6.24 -20.19 25.49
N HIS B 230 -4.96 -20.44 25.20
CA HIS B 230 -4.44 -20.26 23.84
C HIS B 230 -3.36 -21.30 23.60
N GLU B 231 -3.14 -21.60 22.31
CA GLU B 231 -2.14 -22.57 21.91
C GLU B 231 -0.90 -21.96 21.28
N SER B 232 -0.98 -20.72 20.80
CA SER B 232 0.15 -20.06 20.17
C SER B 232 0.08 -18.57 20.47
N ASP B 233 0.91 -17.78 19.78
CA ASP B 233 0.96 -16.34 20.01
C ASP B 233 -0.36 -15.69 19.62
N ILE B 234 -0.87 -14.83 20.50
CA ILE B 234 -2.10 -14.10 20.26
C ILE B 234 -1.73 -12.80 19.57
N ASN B 235 -2.04 -12.70 18.27
CA ASN B 235 -1.66 -11.52 17.51
C ASN B 235 -2.76 -10.47 17.46
N ALA B 236 -4.03 -10.88 17.60
CA ALA B 236 -5.16 -9.99 17.48
C ALA B 236 -6.04 -10.08 18.71
N ILE B 237 -6.74 -8.99 19.02
CA ILE B 237 -7.66 -8.94 20.15
C ILE B 237 -8.59 -7.75 19.93
N CYS B 238 -9.78 -7.83 20.51
CA CYS B 238 -10.76 -6.76 20.36
C CYS B 238 -11.79 -6.86 21.46
N PHE B 239 -12.15 -5.72 22.04
CA PHE B 239 -13.14 -5.68 23.10
C PHE B 239 -14.55 -5.76 22.51
N PHE B 240 -15.39 -6.58 23.12
CA PHE B 240 -16.78 -6.67 22.71
C PHE B 240 -17.46 -5.31 22.88
N PRO B 241 -18.37 -4.94 21.99
CA PRO B 241 -19.01 -3.60 22.11
C PRO B 241 -19.52 -3.28 23.50
N ASN B 242 -19.91 -4.28 24.29
CA ASN B 242 -20.38 -4.01 25.65
C ASN B 242 -19.25 -3.88 26.65
N GLY B 243 -18.02 -4.23 26.28
CA GLY B 243 -16.89 -4.14 27.17
C GLY B 243 -16.77 -5.27 28.18
N ASN B 244 -17.71 -6.21 28.19
CA ASN B 244 -17.67 -7.31 29.14
C ASN B 244 -16.93 -8.53 28.62
N ALA B 245 -16.74 -8.63 27.31
CA ALA B 245 -16.07 -9.77 26.70
C ALA B 245 -15.11 -9.28 25.62
N PHE B 246 -14.29 -10.20 25.12
CA PHE B 246 -13.33 -9.89 24.08
C PHE B 246 -12.93 -11.16 23.35
N ALA B 247 -12.69 -11.04 22.06
CA ALA B 247 -12.26 -12.16 21.23
C ALA B 247 -10.77 -12.02 20.92
N THR B 248 -10.06 -13.15 20.95
CA THR B 248 -8.62 -13.18 20.72
C THR B 248 -8.32 -13.86 19.39
N GLY B 249 -7.19 -13.48 18.81
CA GLY B 249 -6.73 -14.08 17.57
C GLY B 249 -5.28 -14.50 17.68
N SER B 250 -5.00 -15.72 17.22
CA SER B 250 -3.66 -16.29 17.32
C SER B 250 -3.34 -17.06 16.05
N ASP B 251 -2.06 -17.42 15.91
CA ASP B 251 -1.62 -18.18 14.76
C ASP B 251 -2.25 -19.57 14.69
N ASP B 252 -2.90 -20.02 15.77
CA ASP B 252 -3.54 -21.33 15.76
C ASP B 252 -4.70 -21.42 14.78
N ALA B 253 -5.10 -20.30 14.17
CA ALA B 253 -6.19 -20.24 13.20
C ALA B 253 -7.55 -20.48 13.86
N THR B 254 -7.67 -20.22 15.15
CA THR B 254 -8.90 -20.43 15.88
C THR B 254 -9.17 -19.23 16.79
N CYS B 255 -10.35 -18.62 16.63
CA CYS B 255 -10.75 -17.51 17.47
C CYS B 255 -11.45 -18.02 18.72
N ARG B 256 -11.25 -17.31 19.83
CA ARG B 256 -11.84 -17.68 21.11
C ARG B 256 -12.45 -16.44 21.75
N LEU B 257 -13.67 -16.59 22.26
CA LEU B 257 -14.40 -15.51 22.90
C LEU B 257 -14.28 -15.64 24.40
N PHE B 258 -13.67 -14.65 25.04
CA PHE B 258 -13.47 -14.63 26.48
C PHE B 258 -14.35 -13.55 27.11
N ASP B 259 -15.03 -13.90 28.20
CA ASP B 259 -15.92 -13.00 28.91
C ASP B 259 -15.29 -12.64 30.25
N LEU B 260 -15.14 -11.34 30.51
CA LEU B 260 -14.52 -10.90 31.76
C LEU B 260 -15.36 -11.31 32.97
N ARG B 261 -16.68 -11.37 32.82
CA ARG B 261 -17.53 -11.77 33.94
C ARG B 261 -17.43 -13.27 34.20
N ALA B 262 -17.37 -14.07 33.14
CA ALA B 262 -17.19 -15.52 33.31
C ALA B 262 -15.74 -15.89 33.55
N ASP B 263 -14.80 -15.15 32.96
CA ASP B 263 -13.37 -15.39 33.16
C ASP B 263 -12.95 -16.74 32.59
N GLN B 264 -13.40 -17.02 31.37
CA GLN B 264 -13.06 -18.26 30.69
C GLN B 264 -13.55 -18.19 29.26
N GLU B 265 -13.10 -19.15 28.45
CA GLU B 265 -13.49 -19.20 27.04
C GLU B 265 -14.94 -19.67 26.92
N LEU B 266 -15.72 -18.95 26.12
CA LEU B 266 -17.12 -19.30 25.90
C LEU B 266 -17.30 -20.13 24.63
N MET B 267 -16.75 -19.67 23.51
CA MET B 267 -16.90 -20.37 22.24
C MET B 267 -15.61 -20.22 21.45
N THR B 268 -15.18 -21.32 20.82
CA THR B 268 -13.98 -21.36 20.01
C THR B 268 -14.39 -21.51 18.55
N TYR B 269 -14.09 -20.49 17.74
CA TYR B 269 -14.41 -20.49 16.31
C TYR B 269 -13.24 -21.10 15.57
N SER B 270 -13.39 -22.35 15.14
CA SER B 270 -12.31 -23.07 14.47
C SER B 270 -12.89 -23.90 13.33
N HIS B 271 -12.04 -24.21 12.36
CA HIS B 271 -12.43 -25.03 11.23
C HIS B 271 -11.20 -25.79 10.73
N ASP B 272 -11.47 -26.93 10.09
CA ASP B 272 -10.37 -27.77 9.62
C ASP B 272 -9.67 -27.17 8.41
N ASN B 273 -10.44 -26.61 7.46
CA ASN B 273 -9.87 -26.05 6.25
C ASN B 273 -9.13 -24.74 6.48
N ILE B 274 -9.14 -24.21 7.70
CA ILE B 274 -8.46 -22.96 8.02
C ILE B 274 -7.18 -23.30 8.76
N ILE B 275 -6.05 -23.23 8.06
CA ILE B 275 -4.76 -23.53 8.67
C ILE B 275 -3.89 -22.29 8.86
N CYS B 276 -4.13 -21.22 8.10
CA CYS B 276 -3.33 -20.02 8.23
C CYS B 276 -3.67 -19.27 9.52
N GLY B 277 -2.68 -18.56 10.05
CA GLY B 277 -2.86 -17.85 11.30
C GLY B 277 -3.82 -16.68 11.16
N ILE B 278 -4.03 -16.00 12.29
CA ILE B 278 -4.93 -14.86 12.39
C ILE B 278 -4.10 -13.62 12.71
N THR B 279 -4.45 -12.49 12.10
CA THR B 279 -3.72 -11.25 12.28
C THR B 279 -4.56 -10.12 12.86
N SER B 280 -5.88 -10.12 12.63
CA SER B 280 -6.73 -9.04 13.13
C SER B 280 -8.11 -9.59 13.42
N VAL B 281 -8.76 -8.99 14.42
CA VAL B 281 -10.12 -9.37 14.82
C VAL B 281 -10.88 -8.10 15.18
N SER B 282 -12.16 -8.06 14.84
CA SER B 282 -12.99 -6.90 15.12
C SER B 282 -14.44 -7.35 15.25
N PHE B 283 -15.19 -6.63 16.08
CA PHE B 283 -16.61 -6.88 16.30
C PHE B 283 -17.46 -5.81 15.64
N SER B 284 -18.69 -6.18 15.29
CA SER B 284 -19.64 -5.24 14.73
C SER B 284 -20.36 -4.50 15.86
N LYS B 285 -21.25 -3.58 15.47
CA LYS B 285 -22.00 -2.82 16.47
C LYS B 285 -22.87 -3.74 17.31
N SER B 286 -23.54 -4.70 16.66
CA SER B 286 -24.41 -5.63 17.38
C SER B 286 -23.63 -6.78 18.02
N GLY B 287 -22.41 -7.05 17.56
CA GLY B 287 -21.60 -8.12 18.11
C GLY B 287 -21.83 -9.47 17.47
N ARG B 288 -22.92 -9.65 16.71
CA ARG B 288 -23.17 -10.93 16.07
C ARG B 288 -22.09 -11.24 15.03
N LEU B 289 -21.68 -10.24 14.26
CA LEU B 289 -20.69 -10.43 13.21
C LEU B 289 -19.30 -10.26 13.80
N LEU B 290 -18.55 -11.36 13.91
CA LEU B 290 -17.19 -11.35 14.42
C LEU B 290 -16.25 -11.45 13.22
N LEU B 291 -15.70 -10.32 12.81
CA LEU B 291 -14.83 -10.24 11.64
C LEU B 291 -13.38 -10.48 12.07
N ALA B 292 -12.75 -11.49 11.48
CA ALA B 292 -11.36 -11.83 11.79
C ALA B 292 -10.59 -12.04 10.50
N GLY B 293 -9.39 -11.47 10.44
CA GLY B 293 -8.54 -11.59 9.26
C GLY B 293 -7.60 -12.78 9.38
N TYR B 294 -7.43 -13.49 8.27
CA TYR B 294 -6.58 -14.67 8.20
C TYR B 294 -5.51 -14.48 7.13
N ASP B 295 -4.44 -15.26 7.26
CA ASP B 295 -3.33 -15.17 6.32
C ASP B 295 -3.61 -15.87 4.99
N ASP B 296 -4.83 -16.36 4.78
CA ASP B 296 -5.21 -17.01 3.53
C ASP B 296 -5.57 -16.02 2.43
N PHE B 297 -5.20 -14.74 2.57
CA PHE B 297 -5.48 -13.71 1.57
C PHE B 297 -6.97 -13.40 1.50
N ASN B 298 -7.67 -13.47 2.62
CA ASN B 298 -9.09 -13.17 2.66
C ASN B 298 -9.55 -13.15 4.11
N CYS B 299 -10.58 -12.35 4.39
CA CYS B 299 -11.14 -12.22 5.72
C CYS B 299 -12.39 -13.07 5.85
N ASN B 300 -12.68 -13.50 7.08
CA ASN B 300 -13.84 -14.32 7.37
C ASN B 300 -14.68 -13.65 8.46
N VAL B 301 -15.99 -13.86 8.39
CA VAL B 301 -16.94 -13.30 9.34
C VAL B 301 -17.60 -14.45 10.07
N TRP B 302 -17.44 -14.50 11.39
CA TRP B 302 -17.97 -15.56 12.23
C TRP B 302 -19.16 -15.04 13.03
N ASP B 303 -20.04 -15.96 13.41
CA ASP B 303 -21.19 -15.64 14.23
C ASP B 303 -20.81 -15.77 15.69
N ALA B 304 -20.95 -14.69 16.45
CA ALA B 304 -20.56 -14.71 17.85
C ALA B 304 -21.37 -15.72 18.65
N LEU B 305 -22.60 -16.01 18.21
CA LEU B 305 -23.49 -16.93 18.92
C LEU B 305 -23.50 -18.32 18.30
N LYS B 306 -23.83 -18.40 17.00
CA LYS B 306 -23.91 -19.70 16.33
C LYS B 306 -22.53 -20.29 16.04
N ALA B 307 -21.49 -19.46 15.96
CA ALA B 307 -20.12 -19.86 15.67
C ALA B 307 -19.94 -20.28 14.21
N ASP B 308 -20.98 -20.24 13.39
CA ASP B 308 -20.87 -20.63 11.99
C ASP B 308 -20.32 -19.46 11.16
N ARG B 309 -19.67 -19.82 10.05
CA ARG B 309 -19.10 -18.82 9.17
C ARG B 309 -20.21 -18.00 8.52
N ALA B 310 -20.18 -16.69 8.75
CA ALA B 310 -21.21 -15.82 8.18
C ALA B 310 -20.92 -15.47 6.73
N GLY B 311 -19.66 -15.24 6.40
CA GLY B 311 -19.30 -14.88 5.04
C GLY B 311 -17.80 -14.89 4.86
N VAL B 312 -17.38 -14.63 3.62
CA VAL B 312 -15.98 -14.61 3.25
C VAL B 312 -15.72 -13.37 2.38
N LEU B 313 -14.65 -12.65 2.69
CA LEU B 313 -14.27 -11.45 1.95
C LEU B 313 -12.98 -11.77 1.19
N ALA B 314 -13.14 -12.26 -0.05
CA ALA B 314 -12.02 -12.63 -0.89
C ALA B 314 -11.57 -11.50 -1.82
N GLY B 315 -11.87 -10.25 -1.46
CA GLY B 315 -11.48 -9.14 -2.31
C GLY B 315 -9.98 -8.92 -2.34
N HIS B 316 -9.33 -8.98 -1.17
CA HIS B 316 -7.89 -8.78 -1.11
C HIS B 316 -7.15 -10.00 -1.66
N ASP B 317 -6.02 -9.74 -2.32
CA ASP B 317 -5.21 -10.80 -2.89
C ASP B 317 -4.00 -11.15 -2.03
N ASN B 318 -3.59 -10.27 -1.11
CA ASN B 318 -2.46 -10.49 -0.24
C ASN B 318 -2.95 -10.65 1.20
N ARG B 319 -2.01 -10.96 2.10
CA ARG B 319 -2.31 -11.16 3.50
C ARG B 319 -3.04 -9.95 4.08
N VAL B 320 -4.28 -10.14 4.53
CA VAL B 320 -5.00 -9.09 5.24
C VAL B 320 -4.44 -8.98 6.65
N SER B 321 -3.80 -7.85 6.96
CA SER B 321 -3.13 -7.66 8.23
C SER B 321 -3.93 -6.82 9.22
N CYS B 322 -4.86 -5.99 8.76
CA CYS B 322 -5.59 -5.10 9.63
C CYS B 322 -7.00 -4.91 9.09
N LEU B 323 -7.94 -4.70 10.01
CA LEU B 323 -9.33 -4.46 9.65
C LEU B 323 -10.05 -3.87 10.85
N GLY B 324 -11.05 -3.04 10.57
CA GLY B 324 -11.81 -2.40 11.62
C GLY B 324 -13.19 -2.01 11.14
N VAL B 325 -14.12 -1.93 12.08
CA VAL B 325 -15.50 -1.57 11.79
C VAL B 325 -15.75 -0.15 12.27
N THR B 326 -16.58 0.57 11.53
CA THR B 326 -16.91 1.95 11.90
C THR B 326 -17.61 1.98 13.25
N ASP B 327 -17.42 3.07 13.98
CA ASP B 327 -18.04 3.22 15.29
C ASP B 327 -19.57 3.22 15.15
N ASP B 328 -20.10 4.08 14.27
CA ASP B 328 -21.54 4.16 14.07
C ASP B 328 -22.11 2.92 13.38
N GLY B 329 -21.25 2.04 12.87
CA GLY B 329 -21.72 0.84 12.19
C GLY B 329 -22.37 1.12 10.85
N MET B 330 -21.56 1.58 9.89
CA MET B 330 -22.05 1.88 8.54
C MET B 330 -21.23 1.17 7.49
N ALA B 331 -19.97 0.88 7.79
CA ALA B 331 -19.08 0.23 6.82
C ALA B 331 -17.93 -0.42 7.58
N VAL B 332 -17.14 -1.20 6.85
CA VAL B 332 -16.00 -1.91 7.41
C VAL B 332 -14.80 -1.67 6.49
N ALA B 333 -13.65 -1.39 7.10
CA ALA B 333 -12.40 -1.19 6.38
C ALA B 333 -11.47 -2.38 6.60
N THR B 334 -10.77 -2.78 5.54
CA THR B 334 -9.84 -3.91 5.60
C THR B 334 -8.58 -3.53 4.85
N GLY B 335 -7.45 -3.53 5.56
CA GLY B 335 -6.16 -3.22 4.98
C GLY B 335 -5.29 -4.46 4.88
N SER B 336 -4.75 -4.68 3.68
CA SER B 336 -3.91 -5.83 3.40
C SER B 336 -2.55 -5.38 2.88
N TRP B 337 -1.63 -6.34 2.79
CA TRP B 337 -0.29 -6.04 2.30
C TRP B 337 -0.26 -5.69 0.83
N ASP B 338 -1.38 -5.90 0.12
CA ASP B 338 -1.45 -5.57 -1.31
C ASP B 338 -1.46 -4.07 -1.57
N SER B 339 -1.42 -3.23 -0.53
CA SER B 339 -1.42 -1.78 -0.65
C SER B 339 -2.76 -1.24 -1.14
N PHE B 340 -3.79 -2.07 -1.24
CA PHE B 340 -5.11 -1.66 -1.69
C PHE B 340 -6.10 -1.92 -0.57
N LEU B 341 -6.63 -0.84 0.02
CA LEU B 341 -7.60 -0.94 1.10
C LEU B 341 -9.00 -0.94 0.51
N LYS B 342 -9.75 -2.01 0.78
CA LYS B 342 -11.11 -2.16 0.26
C LYS B 342 -12.10 -2.02 1.41
N ILE B 343 -13.06 -1.12 1.23
CA ILE B 343 -14.11 -0.91 2.23
C ILE B 343 -15.31 -1.78 1.87
N TRP B 344 -15.90 -2.43 2.87
CA TRP B 344 -17.01 -3.33 2.68
C TRP B 344 -18.23 -2.80 3.43
N ASN B 345 -19.41 -3.02 2.85
CA ASN B 345 -20.66 -2.58 3.47
C ASN B 345 -21.84 -3.35 2.89
N THR C 6 17.92 -12.77 45.66
CA THR C 6 17.66 -11.31 45.53
C THR C 6 16.63 -11.05 44.42
N ALA C 7 17.06 -11.22 43.17
CA ALA C 7 16.17 -11.01 42.04
C ALA C 7 15.24 -12.21 41.83
N SER C 8 15.76 -13.42 42.02
CA SER C 8 14.93 -14.62 41.84
C SER C 8 13.79 -14.63 42.86
N ILE C 9 14.12 -14.46 44.14
CA ILE C 9 13.08 -14.41 45.17
C ILE C 9 12.16 -13.22 44.94
N ALA C 10 12.70 -12.11 44.41
CA ALA C 10 11.85 -10.95 44.14
C ALA C 10 10.79 -11.27 43.11
N GLN C 11 11.20 -11.78 41.95
CA GLN C 11 10.22 -12.14 40.93
C GLN C 11 9.29 -13.25 41.41
N ALA C 12 9.80 -14.16 42.24
CA ALA C 12 8.95 -15.24 42.76
C ALA C 12 7.83 -14.66 43.62
N ARG C 13 8.17 -13.78 44.57
CA ARG C 13 7.15 -13.18 45.42
C ARG C 13 6.22 -12.28 44.61
N LYS C 14 6.74 -11.62 43.58
CA LYS C 14 5.88 -10.81 42.73
C LYS C 14 4.83 -11.69 42.03
N LEU C 15 5.26 -12.81 41.44
CA LEU C 15 4.33 -13.71 40.79
C LEU C 15 3.35 -14.31 41.80
N VAL C 16 3.82 -14.57 43.03
CA VAL C 16 2.94 -15.13 44.06
C VAL C 16 1.84 -14.13 44.40
N GLU C 17 2.22 -12.86 44.61
CA GLU C 17 1.22 -11.83 44.90
C GLU C 17 0.27 -11.65 43.71
N GLN C 18 0.80 -11.75 42.49
CA GLN C 18 -0.05 -11.64 41.31
C GLN C 18 -1.11 -12.73 41.30
N LEU C 19 -0.67 -13.99 41.46
CA LEU C 19 -1.62 -15.10 41.49
C LEU C 19 -2.60 -14.97 42.65
N LYS C 20 -2.15 -14.45 43.79
CA LYS C 20 -3.04 -14.27 44.93
C LYS C 20 -4.13 -13.27 44.59
N MET C 21 -3.76 -12.09 44.07
CA MET C 21 -4.77 -11.09 43.74
C MET C 21 -5.67 -11.56 42.60
N GLU C 22 -5.16 -12.40 41.71
CA GLU C 22 -5.98 -12.94 40.63
C GLU C 22 -6.92 -14.04 41.10
N ALA C 23 -6.59 -14.72 42.20
CA ALA C 23 -7.45 -15.78 42.71
C ALA C 23 -8.66 -15.21 43.43
N ASN C 24 -8.45 -14.25 44.33
CA ASN C 24 -9.54 -13.63 45.08
C ASN C 24 -10.32 -12.66 44.19
N ILE C 25 -11.04 -13.18 43.21
CA ILE C 25 -11.82 -12.37 42.28
C ILE C 25 -13.23 -12.96 42.21
N ASP C 26 -14.23 -12.10 42.34
CA ASP C 26 -15.62 -12.54 42.26
C ASP C 26 -15.94 -13.04 40.86
N ARG C 27 -16.68 -14.15 40.79
CA ARG C 27 -17.06 -14.77 39.53
C ARG C 27 -18.55 -15.07 39.53
N ILE C 28 -19.05 -15.51 38.39
CA ILE C 28 -20.47 -15.86 38.23
C ILE C 28 -20.56 -17.03 37.25
N LYS C 29 -21.70 -17.72 37.29
CA LYS C 29 -21.90 -18.85 36.40
C LYS C 29 -21.88 -18.40 34.94
N VAL C 30 -21.39 -19.28 34.07
CA VAL C 30 -21.23 -18.93 32.67
C VAL C 30 -22.58 -18.77 31.99
N SER C 31 -23.61 -19.47 32.48
CA SER C 31 -24.92 -19.41 31.82
C SER C 31 -25.49 -18.00 31.87
N LYS C 32 -25.44 -17.34 33.03
CA LYS C 32 -25.97 -15.99 33.15
C LYS C 32 -25.17 -15.01 32.31
N ALA C 33 -23.84 -15.14 32.32
CA ALA C 33 -23.01 -14.25 31.50
C ALA C 33 -23.33 -14.41 30.02
N ALA C 34 -23.52 -15.64 29.56
CA ALA C 34 -23.86 -15.87 28.16
C ALA C 34 -25.23 -15.29 27.84
N ALA C 35 -26.21 -15.53 28.72
CA ALA C 35 -27.55 -15.00 28.48
C ALA C 35 -27.54 -13.48 28.41
N ASP C 36 -26.74 -12.84 29.26
CA ASP C 36 -26.68 -11.37 29.25
C ASP C 36 -26.03 -10.86 27.97
N LEU C 37 -24.99 -11.55 27.49
CA LEU C 37 -24.32 -11.11 26.27
C LEU C 37 -25.27 -11.14 25.09
N MET C 38 -26.13 -12.16 25.00
CA MET C 38 -27.07 -12.25 23.89
C MET C 38 -28.06 -11.10 23.89
N ALA C 39 -28.37 -10.54 25.08
CA ALA C 39 -29.32 -9.43 25.15
C ALA C 39 -28.82 -8.22 24.37
N TYR C 40 -27.50 -8.00 24.35
CA TYR C 40 -26.96 -6.86 23.61
C TYR C 40 -27.15 -7.04 22.11
N CYS C 41 -26.99 -8.26 21.60
CA CYS C 41 -27.18 -8.51 20.18
C CYS C 41 -28.60 -8.16 19.75
N GLU C 42 -29.59 -8.69 20.46
CA GLU C 42 -30.98 -8.40 20.13
C GLU C 42 -31.33 -6.94 20.33
N ALA C 43 -30.62 -6.23 21.21
CA ALA C 43 -30.87 -4.81 21.44
C ALA C 43 -30.19 -3.92 20.43
N HIS C 44 -29.17 -4.41 19.73
CA HIS C 44 -28.46 -3.63 18.73
C HIS C 44 -28.43 -4.28 17.35
N ALA C 45 -29.15 -5.39 17.15
CA ALA C 45 -29.16 -6.03 15.85
C ALA C 45 -29.81 -5.15 14.79
N LYS C 46 -30.72 -4.26 15.19
CA LYS C 46 -31.39 -3.37 14.25
C LYS C 46 -30.50 -2.26 13.74
N GLU C 47 -29.26 -2.15 14.21
CA GLU C 47 -28.34 -1.13 13.74
C GLU C 47 -26.97 -1.70 13.38
N ASP C 48 -26.87 -3.01 13.18
CA ASP C 48 -25.59 -3.60 12.81
C ASP C 48 -25.17 -3.09 11.43
N PRO C 49 -23.87 -2.86 11.21
CA PRO C 49 -23.44 -2.34 9.91
C PRO C 49 -23.87 -3.18 8.72
N LEU C 50 -23.83 -4.51 8.83
CA LEU C 50 -24.10 -5.38 7.70
C LEU C 50 -25.06 -6.52 7.98
N LEU C 51 -25.54 -6.69 9.22
CA LEU C 51 -26.48 -7.76 9.50
C LEU C 51 -27.74 -7.63 8.65
N THR C 52 -28.13 -6.39 8.33
CA THR C 52 -29.29 -6.13 7.50
C THR C 52 -28.90 -5.22 6.35
N PRO C 53 -29.47 -5.43 5.16
CA PRO C 53 -29.10 -4.60 4.01
C PRO C 53 -29.73 -3.21 4.08
N VAL C 54 -29.13 -2.30 3.33
CA VAL C 54 -29.62 -0.92 3.24
C VAL C 54 -29.40 -0.41 1.82
N PRO C 55 -30.22 0.51 1.34
CA PRO C 55 -30.04 1.01 -0.03
C PRO C 55 -28.77 1.85 -0.15
N ALA C 56 -28.37 2.08 -1.40
CA ALA C 56 -27.17 2.87 -1.67
C ALA C 56 -27.37 4.36 -1.43
N SER C 57 -28.62 4.81 -1.22
CA SER C 57 -28.86 6.22 -0.99
C SER C 57 -28.12 6.72 0.24
N GLU C 58 -28.08 5.91 1.30
CA GLU C 58 -27.39 6.31 2.52
C GLU C 58 -25.88 6.11 2.40
N ASN C 59 -25.44 5.19 1.57
CA ASN C 59 -24.02 4.92 1.39
C ASN C 59 -23.32 6.16 0.83
N LEU D 47 -2.64 -38.10 -52.14
CA LEU D 47 -2.37 -36.93 -53.03
C LEU D 47 -2.62 -35.63 -52.29
N CYS D 48 -1.60 -34.77 -52.28
CA CYS D 48 -1.68 -33.45 -51.64
C CYS D 48 -2.03 -33.59 -50.16
N ALA D 49 -1.14 -34.28 -49.43
CA ALA D 49 -1.34 -34.47 -48.00
C ALA D 49 -0.91 -33.27 -47.17
N ILE D 50 -0.51 -32.18 -47.82
CA ILE D 50 -0.05 -31.00 -47.09
C ILE D 50 -1.15 -30.45 -46.20
N TYR D 51 -2.41 -30.62 -46.60
CA TYR D 51 -3.52 -30.11 -45.80
C TYR D 51 -3.56 -30.74 -44.42
N ILE D 52 -2.97 -31.93 -44.25
CA ILE D 52 -2.95 -32.56 -42.93
C ILE D 52 -2.05 -31.77 -41.98
N THR D 53 -0.81 -31.51 -42.40
CA THR D 53 0.08 -30.69 -41.58
C THR D 53 -0.49 -29.30 -41.36
N TYR D 54 -1.14 -28.74 -42.38
CA TYR D 54 -1.79 -27.44 -42.24
C TYR D 54 -2.76 -27.45 -41.07
N ALA D 55 -3.73 -28.36 -41.10
CA ALA D 55 -4.73 -28.43 -40.05
C ALA D 55 -4.11 -28.75 -38.70
N VAL D 56 -3.10 -29.64 -38.68
CA VAL D 56 -2.44 -29.98 -37.41
C VAL D 56 -1.83 -28.73 -36.79
N ILE D 57 -1.05 -27.99 -37.58
CA ILE D 57 -0.40 -26.78 -37.06
C ILE D 57 -1.44 -25.78 -36.60
N ILE D 58 -2.47 -25.54 -37.41
CA ILE D 58 -3.50 -24.57 -37.05
C ILE D 58 -4.15 -24.96 -35.73
N SER D 59 -4.53 -26.23 -35.59
CA SER D 59 -5.23 -26.68 -34.40
C SER D 59 -4.34 -26.57 -33.17
N VAL D 60 -3.08 -27.01 -33.27
CA VAL D 60 -2.21 -26.96 -32.10
C VAL D 60 -1.93 -25.52 -31.70
N GLY D 61 -1.74 -24.62 -32.67
CA GLY D 61 -1.53 -23.23 -32.33
C GLY D 61 -2.75 -22.59 -31.67
N ILE D 62 -3.93 -22.86 -32.23
CA ILE D 62 -5.16 -22.33 -31.64
C ILE D 62 -5.33 -22.85 -30.21
N LEU D 63 -5.06 -24.15 -30.02
CA LEU D 63 -5.18 -24.72 -28.68
C LEU D 63 -4.19 -24.08 -27.72
N GLY D 64 -2.95 -23.88 -28.15
CA GLY D 64 -1.97 -23.25 -27.30
C GLY D 64 -2.37 -21.85 -26.89
N ASN D 65 -2.81 -21.04 -27.86
CA ASN D 65 -3.21 -19.67 -27.54
C ASN D 65 -4.46 -19.66 -26.65
N ALA D 66 -5.40 -20.57 -26.89
CA ALA D 66 -6.59 -20.65 -26.06
C ALA D 66 -6.24 -21.00 -24.62
N ILE D 67 -5.34 -21.98 -24.44
CA ILE D 67 -4.94 -22.36 -23.09
C ILE D 67 -4.17 -21.22 -22.43
N LEU D 68 -3.39 -20.48 -23.21
CA LEU D 68 -2.66 -19.35 -22.65
C LEU D 68 -3.63 -18.30 -22.12
N ILE D 69 -4.62 -17.92 -22.92
CA ILE D 69 -5.58 -16.90 -22.47
C ILE D 69 -6.41 -17.43 -21.31
N LYS D 70 -6.71 -18.73 -21.30
CA LYS D 70 -7.46 -19.31 -20.19
C LYS D 70 -6.65 -19.24 -18.90
N VAL D 71 -5.36 -19.55 -18.97
CA VAL D 71 -4.49 -19.41 -17.80
C VAL D 71 -4.45 -17.96 -17.35
N PHE D 72 -4.32 -17.04 -18.30
CA PHE D 72 -4.25 -15.62 -17.95
C PHE D 72 -5.51 -15.17 -17.20
N PHE D 73 -6.68 -15.56 -17.72
CA PHE D 73 -7.93 -15.11 -17.14
C PHE D 73 -8.31 -15.88 -15.87
N LYS D 74 -7.80 -17.09 -15.70
CA LYS D 74 -8.25 -17.93 -14.59
C LYS D 74 -7.33 -17.79 -13.37
N THR D 75 -6.02 -17.76 -13.59
CA THR D 75 -5.04 -17.68 -12.52
C THR D 75 -4.72 -16.23 -12.20
N LYS D 76 -4.90 -15.84 -10.94
CA LYS D 76 -4.62 -14.48 -10.53
C LYS D 76 -3.13 -14.16 -10.65
N SER D 77 -2.27 -15.13 -10.38
CA SER D 77 -0.83 -14.87 -10.43
C SER D 77 -0.36 -14.48 -11.82
N MET D 78 -1.03 -14.97 -12.86
CA MET D 78 -0.63 -14.72 -14.23
C MET D 78 -1.26 -13.45 -14.81
N GLN D 79 -1.87 -12.62 -13.97
CA GLN D 79 -2.49 -11.38 -14.42
C GLN D 79 -1.60 -10.16 -14.18
N THR D 80 -0.33 -10.36 -13.85
CA THR D 80 0.56 -9.26 -13.58
C THR D 80 0.80 -8.44 -14.84
N VAL D 81 1.34 -7.24 -14.66
CA VAL D 81 1.62 -6.30 -15.74
C VAL D 81 2.32 -7.01 -16.90
N PRO D 82 3.50 -7.61 -16.70
CA PRO D 82 4.21 -8.18 -17.85
C PRO D 82 3.43 -9.25 -18.58
N ASN D 83 2.37 -9.79 -17.97
CA ASN D 83 1.61 -10.85 -18.62
C ASN D 83 0.57 -10.32 -19.60
N ILE D 84 0.25 -9.03 -19.55
CA ILE D 84 -0.79 -8.51 -20.42
C ILE D 84 -0.30 -8.47 -21.87
N PHE D 85 0.99 -8.16 -22.07
CA PHE D 85 1.54 -8.23 -23.42
C PHE D 85 1.50 -9.66 -23.96
N ILE D 86 1.69 -10.64 -23.10
CA ILE D 86 1.67 -12.04 -23.55
C ILE D 86 0.28 -12.42 -24.03
N THR D 87 -0.76 -12.08 -23.26
CA THR D 87 -2.11 -12.39 -23.70
C THR D 87 -2.50 -11.56 -24.91
N SER D 88 -1.95 -10.35 -25.05
CA SER D 88 -2.19 -9.57 -26.25
C SER D 88 -1.62 -10.26 -27.48
N LEU D 89 -0.38 -10.76 -27.37
CA LEU D 89 0.21 -11.53 -28.45
C LEU D 89 -0.60 -12.78 -28.73
N ALA D 90 -1.15 -13.40 -27.67
CA ALA D 90 -1.97 -14.60 -27.87
C ALA D 90 -3.23 -14.27 -28.64
N PHE D 91 -3.89 -13.16 -28.30
CA PHE D 91 -5.08 -12.75 -29.04
C PHE D 91 -4.73 -12.42 -30.49
N GLY D 92 -3.60 -11.75 -30.71
CA GLY D 92 -3.17 -11.50 -32.07
C GLY D 92 -2.94 -12.77 -32.87
N ASP D 93 -2.30 -13.76 -32.25
CA ASP D 93 -2.08 -15.04 -32.91
C ASP D 93 -3.41 -15.74 -33.21
N LEU D 94 -4.34 -15.67 -32.26
CA LEU D 94 -5.67 -16.25 -32.47
C LEU D 94 -6.35 -15.61 -33.68
N LEU D 95 -6.32 -14.27 -33.74
CA LEU D 95 -6.92 -13.57 -34.87
C LEU D 95 -6.25 -13.98 -36.18
N LEU D 96 -4.91 -14.01 -36.18
CA LEU D 96 -4.18 -14.40 -37.39
C LEU D 96 -4.60 -15.79 -37.87
N LEU D 97 -4.64 -16.75 -36.94
CA LEU D 97 -4.95 -18.13 -37.32
C LEU D 97 -6.39 -18.25 -37.80
N LEU D 98 -7.34 -17.67 -37.05
CA LEU D 98 -8.74 -17.77 -37.42
C LEU D 98 -9.06 -16.98 -38.69
N THR D 99 -8.21 -16.03 -39.08
CA THR D 99 -8.42 -15.33 -40.34
C THR D 99 -7.78 -16.09 -41.49
N CYS D 100 -6.62 -16.70 -41.27
CA CYS D 100 -5.98 -17.48 -42.32
C CYS D 100 -6.73 -18.78 -42.59
N VAL D 101 -7.47 -19.29 -41.61
CA VAL D 101 -8.26 -20.50 -41.83
C VAL D 101 -9.21 -20.34 -43.02
N PRO D 102 -10.14 -19.38 -43.02
CA PRO D 102 -11.06 -19.26 -44.16
C PRO D 102 -10.36 -18.75 -45.42
N VAL D 103 -9.27 -18.01 -45.27
CA VAL D 103 -8.55 -17.50 -46.43
C VAL D 103 -8.01 -18.64 -47.28
N ASP D 104 -7.40 -19.63 -46.63
CA ASP D 104 -6.86 -20.77 -47.36
C ASP D 104 -7.95 -21.50 -48.14
N ALA D 105 -9.12 -21.70 -47.51
CA ALA D 105 -10.21 -22.38 -48.20
C ALA D 105 -10.72 -21.55 -49.37
N THR D 106 -10.91 -20.24 -49.16
CA THR D 106 -11.45 -19.41 -50.23
C THR D 106 -10.49 -19.31 -51.40
N HIS D 107 -9.19 -19.36 -51.13
CA HIS D 107 -8.20 -19.19 -52.19
C HIS D 107 -8.27 -20.35 -53.20
N TYR D 108 -8.34 -21.58 -52.70
CA TYR D 108 -8.27 -22.73 -53.58
C TYR D 108 -9.61 -22.99 -54.27
N LEU D 109 -9.69 -24.12 -54.98
CA LEU D 109 -10.84 -24.42 -55.82
C LEU D 109 -12.16 -24.44 -55.05
N ALA D 110 -12.13 -24.56 -53.72
CA ALA D 110 -13.36 -24.68 -52.90
C ALA D 110 -14.68 -24.40 -53.61
N GLU D 111 -14.98 -23.12 -53.86
CA GLU D 111 -16.18 -22.77 -54.63
C GLU D 111 -16.08 -21.42 -55.31
N GLY D 112 -15.35 -21.36 -56.42
CA GLY D 112 -15.29 -20.11 -57.17
C GLY D 112 -14.13 -19.18 -56.94
N TRP D 113 -14.19 -17.99 -57.53
CA TRP D 113 -13.12 -17.00 -57.41
C TRP D 113 -12.85 -16.67 -55.95
N LEU D 114 -13.88 -16.26 -55.21
CA LEU D 114 -13.76 -15.97 -53.79
C LEU D 114 -15.12 -16.26 -53.13
N PHE D 115 -15.27 -15.82 -51.89
CA PHE D 115 -16.51 -15.95 -51.13
C PHE D 115 -17.05 -14.59 -50.72
N GLY D 116 -17.04 -13.64 -51.65
CA GLY D 116 -17.57 -12.31 -51.40
C GLY D 116 -16.49 -11.25 -51.48
N ARG D 117 -16.89 -10.06 -51.88
CA ARG D 117 -15.94 -8.95 -52.03
C ARG D 117 -15.68 -8.28 -50.68
N ILE D 118 -16.72 -7.73 -50.06
CA ILE D 118 -16.56 -7.07 -48.77
C ILE D 118 -16.03 -8.05 -47.73
N GLY D 119 -16.49 -9.30 -47.79
CA GLY D 119 -16.02 -10.30 -46.85
C GLY D 119 -14.52 -10.52 -46.94
N CYS D 120 -14.03 -10.78 -48.15
CA CYS D 120 -12.59 -11.00 -48.32
C CYS D 120 -11.81 -9.73 -48.00
N LYS D 121 -12.37 -8.56 -48.31
CA LYS D 121 -11.71 -7.31 -47.98
C LYS D 121 -11.49 -7.18 -46.48
N VAL D 122 -12.57 -7.32 -45.70
CA VAL D 122 -12.45 -7.20 -44.25
C VAL D 122 -11.57 -8.32 -43.69
N LEU D 123 -11.61 -9.50 -44.32
CA LEU D 123 -10.80 -10.62 -43.85
C LEU D 123 -9.31 -10.31 -44.02
N SER D 124 -8.92 -9.82 -45.20
CA SER D 124 -7.53 -9.45 -45.41
C SER D 124 -7.11 -8.29 -44.51
N PHE D 125 -8.03 -7.34 -44.29
CA PHE D 125 -7.74 -6.22 -43.39
C PHE D 125 -7.42 -6.74 -42.00
N ILE D 126 -8.28 -7.59 -41.44
CA ILE D 126 -8.06 -8.10 -40.09
C ILE D 126 -6.83 -8.99 -40.05
N ARG D 127 -6.55 -9.70 -41.13
CA ARG D 127 -5.34 -10.54 -41.16
C ARG D 127 -4.09 -9.68 -41.06
N LEU D 128 -4.00 -8.63 -41.88
CA LEU D 128 -2.85 -7.74 -41.82
C LEU D 128 -2.77 -7.04 -40.46
N THR D 129 -3.92 -6.66 -39.90
CA THR D 129 -3.94 -6.05 -38.58
C THR D 129 -3.37 -7.01 -37.53
N SER D 130 -3.77 -8.28 -37.59
CA SER D 130 -3.27 -9.25 -36.64
C SER D 130 -1.78 -9.48 -36.81
N VAL D 131 -1.30 -9.51 -38.06
CA VAL D 131 0.14 -9.67 -38.30
C VAL D 131 0.90 -8.50 -37.68
N GLY D 132 0.43 -7.28 -37.94
CA GLY D 132 1.09 -6.12 -37.36
C GLY D 132 1.06 -6.13 -35.84
N VAL D 133 -0.08 -6.51 -35.27
CA VAL D 133 -0.19 -6.58 -33.81
C VAL D 133 0.80 -7.60 -33.26
N SER D 134 0.91 -8.76 -33.92
CA SER D 134 1.83 -9.78 -33.46
C SER D 134 3.27 -9.27 -33.50
N VAL D 135 3.67 -8.64 -34.60
CA VAL D 135 5.04 -8.15 -34.72
C VAL D 135 5.32 -7.09 -33.66
N PHE D 136 4.39 -6.14 -33.50
CA PHE D 136 4.59 -5.06 -32.54
C PHE D 136 4.65 -5.60 -31.12
N THR D 137 3.78 -6.55 -30.78
CA THR D 137 3.80 -7.11 -29.44
C THR D 137 5.07 -7.93 -29.21
N LEU D 138 5.57 -8.61 -30.23
CA LEU D 138 6.83 -9.34 -30.09
C LEU D 138 7.98 -8.38 -29.79
N THR D 139 8.08 -7.30 -30.56
CA THR D 139 9.17 -6.36 -30.33
C THR D 139 9.02 -5.66 -28.98
N ILE D 140 7.77 -5.41 -28.55
CA ILE D 140 7.56 -4.78 -27.25
C ILE D 140 7.95 -5.72 -26.13
N LEU D 141 7.61 -7.01 -26.26
CA LEU D 141 8.03 -8.00 -25.28
C LEU D 141 9.55 -8.10 -25.23
N SER D 142 10.20 -8.05 -26.40
CA SER D 142 11.65 -8.08 -26.43
C SER D 142 12.24 -6.87 -25.70
N ALA D 143 11.68 -5.69 -25.95
CA ALA D 143 12.17 -4.48 -25.28
C ALA D 143 11.95 -4.57 -23.77
N ASP D 144 10.81 -5.10 -23.35
CA ASP D 144 10.54 -5.23 -21.91
C ASP D 144 11.51 -6.21 -21.27
N ARG D 145 11.77 -7.34 -21.93
CA ARG D 145 12.72 -8.31 -21.38
C ARG D 145 14.13 -7.70 -21.32
N TYR D 146 14.49 -6.90 -22.32
CA TYR D 146 15.76 -6.18 -22.27
C TYR D 146 15.82 -5.28 -21.05
N LYS D 147 14.80 -4.43 -20.89
CA LYS D 147 14.76 -3.52 -19.74
C LYS D 147 14.85 -4.28 -18.42
N ALA D 148 14.25 -5.48 -18.37
CA ALA D 148 14.15 -6.19 -17.10
C ALA D 148 15.42 -6.97 -16.78
N VAL D 149 16.09 -7.53 -17.80
CA VAL D 149 17.23 -8.42 -17.56
C VAL D 149 18.53 -7.65 -17.72
N VAL D 150 18.59 -6.75 -18.69
CA VAL D 150 19.81 -5.97 -18.93
C VAL D 150 19.91 -4.80 -17.96
N LYS D 151 18.78 -4.20 -17.60
CA LYS D 151 18.75 -3.11 -16.63
C LYS D 151 17.81 -3.49 -15.49
N PRO D 152 18.12 -4.52 -14.72
CA PRO D 152 17.20 -4.95 -13.65
C PRO D 152 17.03 -3.93 -12.54
N LEU D 153 18.03 -3.08 -12.31
CA LEU D 153 17.91 -2.07 -11.26
C LEU D 153 16.83 -1.03 -11.57
N GLU D 154 16.42 -0.93 -12.83
CA GLU D 154 15.40 0.03 -13.24
C GLU D 154 13.99 -0.56 -13.17
N ARG D 155 13.80 -1.67 -12.47
CA ARG D 155 12.49 -2.30 -12.36
C ARG D 155 11.47 -1.29 -11.85
N GLN D 156 10.41 -1.10 -12.62
CA GLN D 156 9.34 -0.17 -12.26
C GLN D 156 8.72 -0.56 -10.91
N ASN D 159 5.01 -1.83 -11.73
CA ASN D 159 4.42 -1.14 -12.88
C ASN D 159 2.90 -1.11 -12.74
N ALA D 160 2.27 -0.17 -13.45
CA ALA D 160 0.83 -0.01 -13.44
C ALA D 160 0.26 -0.49 -14.76
N ILE D 161 -1.00 -0.96 -14.72
CA ILE D 161 -1.63 -1.46 -15.93
C ILE D 161 -2.07 -0.29 -16.82
N LEU D 162 -2.39 0.85 -16.23
CA LEU D 162 -2.89 1.98 -17.02
C LEU D 162 -1.85 2.53 -18.00
N LYS D 163 -0.62 2.02 -17.95
CA LYS D 163 0.42 2.41 -18.90
C LYS D 163 0.71 1.33 -19.92
N THR D 164 0.95 0.10 -19.47
CA THR D 164 1.22 -0.99 -20.40
C THR D 164 0.01 -1.35 -21.23
N CYS D 165 -1.20 -1.33 -20.65
CA CYS D 165 -2.40 -1.56 -21.43
C CYS D 165 -2.61 -0.46 -22.46
N VAL D 166 -2.30 0.78 -22.10
CA VAL D 166 -2.40 1.89 -23.06
C VAL D 166 -1.38 1.69 -24.18
N LYS D 167 -0.19 1.19 -23.86
CA LYS D 167 0.82 0.91 -24.89
C LYS D 167 0.33 -0.20 -25.80
N ALA D 168 -0.32 -1.23 -25.26
CA ALA D 168 -0.88 -2.29 -26.09
C ALA D 168 -1.98 -1.75 -26.99
N GLY D 169 -2.85 -0.90 -26.45
CA GLY D 169 -3.89 -0.31 -27.27
C GLY D 169 -3.33 0.55 -28.39
N CYS D 170 -2.27 1.32 -28.09
CA CYS D 170 -1.61 2.10 -29.13
C CYS D 170 -1.00 1.20 -30.19
N VAL D 171 -0.44 0.07 -29.78
CA VAL D 171 0.09 -0.90 -30.75
C VAL D 171 -1.03 -1.40 -31.66
N TRP D 172 -2.17 -1.75 -31.08
CA TRP D 172 -3.30 -2.22 -31.87
C TRP D 172 -3.76 -1.15 -32.85
N ILE D 173 -3.83 0.10 -32.39
CA ILE D 173 -4.29 1.19 -33.25
C ILE D 173 -3.30 1.43 -34.38
N VAL D 174 -2.00 1.34 -34.09
CA VAL D 174 -0.99 1.54 -35.12
C VAL D 174 -1.06 0.42 -36.15
N SER D 175 -1.30 -0.81 -35.69
CA SER D 175 -1.47 -1.92 -36.62
C SER D 175 -2.67 -1.70 -37.52
N MET D 176 -3.79 -1.29 -36.92
CA MET D 176 -4.98 -0.99 -37.72
C MET D 176 -4.71 0.10 -38.74
N ILE D 177 -4.00 1.15 -38.34
CA ILE D 177 -3.67 2.22 -39.28
C ILE D 177 -2.84 1.68 -40.43
N PHE D 178 -1.76 0.96 -40.12
CA PHE D 178 -0.94 0.36 -41.16
C PHE D 178 -1.71 -0.65 -42.00
N ALA D 179 -2.85 -1.13 -41.51
CA ALA D 179 -3.67 -2.06 -42.28
C ALA D 179 -4.66 -1.35 -43.21
N LEU D 180 -4.93 -0.06 -42.97
CA LEU D 180 -5.87 0.70 -43.80
C LEU D 180 -5.60 0.60 -45.29
N PRO D 181 -4.35 0.62 -45.78
CA PRO D 181 -4.12 0.52 -47.23
C PRO D 181 -4.73 -0.73 -47.86
N GLU D 182 -5.15 -1.72 -47.07
CA GLU D 182 -5.81 -2.89 -47.63
C GLU D 182 -7.28 -2.65 -47.92
N ALA D 183 -7.87 -1.64 -47.28
CA ALA D 183 -9.29 -1.35 -47.48
C ALA D 183 -9.60 -0.85 -48.88
N ILE D 184 -8.61 -0.34 -49.61
CA ILE D 184 -8.85 0.17 -50.96
C ILE D 184 -8.62 -0.89 -52.04
N PHE D 185 -7.76 -1.87 -51.78
CA PHE D 185 -7.49 -2.91 -52.77
C PHE D 185 -8.49 -4.05 -52.65
N LYS D 211 -2.31 1.11 -59.84
CA LYS D 211 -1.04 0.96 -60.55
C LYS D 211 -0.11 0.01 -59.81
N LEU D 212 0.80 -0.60 -60.56
CA LEU D 212 1.74 -1.54 -59.95
C LEU D 212 2.65 -0.86 -58.94
N LEU D 213 2.95 0.43 -59.15
CA LEU D 213 3.80 1.16 -58.22
C LEU D 213 3.19 1.16 -56.82
N GLN D 214 1.88 1.27 -56.72
CA GLN D 214 1.23 1.28 -55.41
C GLN D 214 1.53 -0.01 -54.65
N GLU D 215 1.27 -1.16 -55.28
CA GLU D 215 1.52 -2.43 -54.62
C GLU D 215 3.00 -2.64 -54.34
N ILE D 216 3.87 -2.24 -55.27
CA ILE D 216 5.31 -2.40 -55.04
C ILE D 216 5.75 -1.63 -53.82
N HIS D 217 5.33 -0.36 -53.72
CA HIS D 217 5.72 0.46 -52.57
C HIS D 217 5.09 -0.06 -51.28
N SER D 218 3.85 -0.55 -51.35
CA SER D 218 3.21 -1.10 -50.16
C SER D 218 3.97 -2.33 -49.65
N LEU D 219 4.37 -3.20 -50.56
CA LEU D 219 5.09 -4.40 -50.15
C LEU D 219 6.51 -4.08 -49.70
N LEU D 220 7.14 -3.04 -50.27
CA LEU D 220 8.44 -2.62 -49.77
C LEU D 220 8.32 -2.05 -48.37
N CYS D 221 7.26 -1.27 -48.11
CA CYS D 221 7.02 -0.78 -46.76
C CYS D 221 6.76 -1.93 -45.79
N PHE D 222 6.05 -2.97 -46.26
CA PHE D 222 5.84 -4.15 -45.43
C PHE D 222 7.16 -4.86 -45.13
N LEU D 223 8.04 -4.97 -46.13
CA LEU D 223 9.36 -5.55 -45.89
C LEU D 223 10.15 -4.74 -44.88
N VAL D 224 10.09 -3.41 -44.94
CA VAL D 224 10.81 -2.59 -43.97
C VAL D 224 10.19 -2.76 -42.58
N PHE D 225 8.86 -2.85 -42.51
CA PHE D 225 8.15 -3.00 -41.25
C PHE D 225 8.38 -4.40 -40.66
N TYR D 226 8.82 -5.32 -41.49
CA TYR D 226 9.22 -6.64 -41.01
C TYR D 226 10.69 -6.70 -40.64
N ILE D 227 11.54 -5.90 -41.29
CA ILE D 227 12.98 -5.96 -41.02
C ILE D 227 13.32 -5.16 -39.76
N ILE D 228 12.69 -4.01 -39.56
CA ILE D 228 13.01 -3.17 -38.42
C ILE D 228 12.69 -3.91 -37.12
N PRO D 229 11.47 -4.44 -36.95
CA PRO D 229 11.22 -5.31 -35.79
C PRO D 229 12.19 -6.47 -35.71
N LEU D 230 12.51 -7.09 -36.84
CA LEU D 230 13.48 -8.19 -36.85
C LEU D 230 14.80 -7.74 -36.26
N SER D 231 15.33 -6.61 -36.75
CA SER D 231 16.64 -6.15 -36.29
C SER D 231 16.61 -5.79 -34.82
N ILE D 232 15.58 -5.07 -34.38
CA ILE D 232 15.54 -4.63 -32.98
C ILE D 232 15.41 -5.84 -32.07
N ILE D 233 14.56 -6.80 -32.44
CA ILE D 233 14.40 -8.01 -31.62
C ILE D 233 15.70 -8.79 -31.59
N SER D 234 16.39 -8.87 -32.73
CA SER D 234 17.65 -9.60 -32.78
C SER D 234 18.67 -8.98 -31.84
N VAL D 235 18.85 -7.66 -31.91
CA VAL D 235 19.85 -7.01 -31.06
C VAL D 235 19.46 -7.12 -29.59
N TYR D 236 18.16 -7.01 -29.29
CA TYR D 236 17.71 -7.10 -27.91
C TYR D 236 17.97 -8.50 -27.34
N TYR D 237 17.64 -9.54 -28.10
CA TYR D 237 17.88 -10.89 -27.63
C TYR D 237 19.37 -11.22 -27.58
N SER D 238 20.18 -10.62 -28.47
CA SER D 238 21.62 -10.80 -28.37
C SER D 238 22.16 -10.20 -27.08
N LEU D 239 21.71 -8.98 -26.74
CA LEU D 239 22.13 -8.38 -25.48
C LEU D 239 21.62 -9.20 -24.29
N ILE D 240 20.40 -9.76 -24.41
CA ILE D 240 19.87 -10.62 -23.36
C ILE D 240 20.81 -11.80 -23.13
N ALA D 241 21.15 -12.51 -24.21
CA ALA D 241 22.02 -13.68 -24.08
C ALA D 241 23.40 -13.29 -23.56
N ARG D 242 23.92 -12.14 -23.99
CA ARG D 242 25.22 -11.70 -23.50
C ARG D 242 25.18 -11.45 -22.00
N THR D 243 24.16 -10.73 -21.53
CA THR D 243 24.05 -10.46 -20.10
C THR D 243 23.84 -11.74 -19.32
N LEU D 244 23.09 -12.69 -19.88
CA LEU D 244 22.84 -13.95 -19.18
C LEU D 244 24.11 -14.78 -19.05
N TYR D 245 24.86 -14.92 -20.14
CA TYR D 245 26.13 -15.63 -20.08
C TYR D 245 27.09 -14.95 -19.13
N LYS D 246 27.18 -13.61 -19.20
CA LYS D 246 27.99 -12.87 -18.25
C LYS D 246 27.45 -12.99 -16.84
N SER D 247 26.13 -13.17 -16.71
CA SER D 247 25.52 -13.32 -15.39
C SER D 247 25.62 -14.77 -14.92
N THR D 248 26.83 -15.32 -14.96
CA THR D 248 27.11 -16.64 -14.40
C THR D 248 28.38 -16.67 -13.57
N LEU D 249 29.24 -15.65 -13.66
CA LEU D 249 30.46 -15.62 -12.88
C LEU D 249 30.25 -14.94 -11.53
N ASN D 250 29.28 -14.04 -11.43
CA ASN D 250 29.03 -13.37 -10.15
C ASN D 250 28.37 -14.31 -9.15
N ILE D 251 27.41 -15.11 -9.61
CA ILE D 251 26.75 -16.07 -8.72
C ILE D 251 27.76 -17.12 -8.27
N PRO D 252 27.98 -17.32 -6.97
CA PRO D 252 28.88 -18.38 -6.54
C PRO D 252 28.40 -19.75 -7.00
N THR D 253 29.36 -20.63 -7.31
CA THR D 253 29.05 -21.96 -7.82
C THR D 253 29.86 -23.07 -7.15
N GLU D 254 30.47 -22.81 -5.99
CA GLU D 254 31.36 -23.80 -5.39
C GLU D 254 30.57 -24.98 -4.84
N GLU D 255 29.59 -24.73 -3.98
CA GLU D 255 28.92 -25.81 -3.26
C GLU D 255 27.40 -25.71 -3.29
N GLN D 256 26.82 -24.84 -4.10
CA GLN D 256 25.37 -24.63 -4.15
C GLN D 256 24.85 -25.27 -5.44
N SER D 257 24.20 -26.43 -5.29
CA SER D 257 23.62 -27.11 -6.44
C SER D 257 22.42 -26.34 -6.99
N HIS D 258 21.66 -25.67 -6.11
CA HIS D 258 20.55 -24.86 -6.57
C HIS D 258 21.03 -23.66 -7.38
N ALA D 259 22.15 -23.05 -6.98
CA ALA D 259 22.74 -22.02 -7.83
C ALA D 259 23.17 -22.59 -9.17
N ARG D 260 23.60 -23.84 -9.20
CA ARG D 260 23.96 -24.48 -10.46
C ARG D 260 22.73 -24.66 -11.35
N LYS D 261 21.61 -25.09 -10.76
CA LYS D 261 20.37 -25.18 -11.51
C LYS D 261 19.94 -23.81 -12.03
N GLN D 262 20.12 -22.78 -11.20
CA GLN D 262 19.79 -21.42 -11.63
C GLN D 262 20.64 -21.00 -12.83
N ILE D 263 21.94 -21.28 -12.77
CA ILE D 263 22.83 -20.94 -13.90
C ILE D 263 22.41 -21.71 -15.14
N GLU D 264 22.06 -22.99 -14.98
CA GLU D 264 21.61 -23.78 -16.11
C GLU D 264 20.34 -23.23 -16.72
N SER D 265 19.39 -22.78 -15.89
CA SER D 265 18.16 -22.20 -16.42
C SER D 265 18.43 -20.86 -17.10
N ARG D 266 19.37 -20.09 -16.56
CA ARG D 266 19.75 -18.84 -17.23
C ARG D 266 20.36 -19.10 -18.60
N LYS D 267 21.25 -20.08 -18.70
CA LYS D 267 21.78 -20.46 -20.01
C LYS D 267 20.67 -20.98 -20.92
N ARG D 268 19.68 -21.68 -20.35
CA ARG D 268 18.58 -22.19 -21.14
C ARG D 268 17.77 -21.05 -21.75
N ILE D 269 17.45 -20.04 -20.96
CA ILE D 269 16.70 -18.90 -21.49
C ILE D 269 17.57 -18.13 -22.50
N ALA D 270 18.87 -18.06 -22.24
CA ALA D 270 19.77 -17.39 -23.18
C ALA D 270 19.76 -18.08 -24.53
N ARG D 271 19.72 -19.41 -24.54
CA ARG D 271 19.63 -20.14 -25.80
C ARG D 271 18.22 -20.03 -26.39
N THR D 272 17.21 -19.95 -25.54
CA THR D 272 15.83 -19.91 -26.03
C THR D 272 15.54 -18.60 -26.74
N VAL D 273 16.13 -17.49 -26.29
CA VAL D 273 15.91 -16.23 -26.98
C VAL D 273 16.55 -16.26 -28.37
N LEU D 274 17.75 -16.82 -28.50
CA LEU D 274 18.39 -16.94 -29.80
C LEU D 274 17.73 -18.00 -30.68
N VAL D 275 16.97 -18.92 -30.08
CA VAL D 275 16.17 -19.83 -30.89
C VAL D 275 14.89 -19.14 -31.37
N LEU D 276 14.30 -18.29 -30.52
CA LEU D 276 13.09 -17.59 -30.90
C LEU D 276 13.34 -16.55 -31.98
N VAL D 277 14.47 -15.83 -31.90
CA VAL D 277 14.78 -14.86 -32.95
C VAL D 277 14.84 -15.56 -34.31
N ALA D 278 15.42 -16.77 -34.34
CA ALA D 278 15.52 -17.51 -35.60
C ALA D 278 14.16 -18.04 -36.04
N LEU D 279 13.42 -18.64 -35.10
CA LEU D 279 12.08 -19.14 -35.41
C LEU D 279 11.13 -18.04 -35.82
N PHE D 280 11.46 -16.77 -35.57
CA PHE D 280 10.70 -15.65 -36.08
C PHE D 280 11.20 -15.20 -37.45
N ALA D 281 12.51 -14.99 -37.58
CA ALA D 281 13.07 -14.50 -38.84
C ALA D 281 12.84 -15.50 -39.97
N LEU D 282 13.33 -16.73 -39.80
CA LEU D 282 13.22 -17.70 -40.88
C LEU D 282 11.78 -18.08 -41.17
N CYS D 283 10.87 -17.83 -40.22
CA CYS D 283 9.47 -18.20 -40.43
C CYS D 283 8.69 -17.09 -41.14
N TRP D 284 8.99 -15.83 -40.82
CA TRP D 284 8.28 -14.72 -41.46
C TRP D 284 8.94 -14.26 -42.75
N LEU D 285 10.20 -14.67 -43.00
CA LEU D 285 10.86 -14.26 -44.23
C LEU D 285 10.22 -14.86 -45.47
N PRO D 286 9.90 -16.16 -45.52
CA PRO D 286 9.32 -16.71 -46.76
C PRO D 286 8.06 -16.01 -47.22
N ASN D 287 7.18 -15.62 -46.31
CA ASN D 287 5.93 -14.99 -46.70
C ASN D 287 6.20 -13.65 -47.39
N HIS D 288 7.03 -12.81 -46.79
CA HIS D 288 7.35 -11.51 -47.39
C HIS D 288 8.11 -11.70 -48.71
N LEU D 289 9.01 -12.68 -48.76
CA LEU D 289 9.72 -12.94 -50.01
C LEU D 289 8.75 -13.33 -51.12
N LEU D 290 7.77 -14.18 -50.81
CA LEU D 290 6.79 -14.58 -51.81
C LEU D 290 5.94 -13.39 -52.24
N TYR D 291 5.48 -12.59 -51.27
CA TYR D 291 4.65 -11.44 -51.60
C TYR D 291 5.40 -10.45 -52.47
N LEU D 292 6.70 -10.30 -52.24
CA LEU D 292 7.51 -9.40 -53.06
C LEU D 292 7.78 -9.99 -54.43
N TYR D 293 7.96 -11.32 -54.50
CA TYR D 293 8.16 -11.97 -55.79
C TYR D 293 6.92 -11.83 -56.66
N HIS D 294 5.74 -11.82 -56.04
CA HIS D 294 4.50 -11.74 -56.79
C HIS D 294 4.12 -10.30 -57.15
N SER D 295 4.98 -9.33 -56.82
CA SER D 295 4.65 -7.93 -57.06
C SER D 295 5.75 -7.17 -57.80
N PHE D 296 7.01 -7.44 -57.47
CA PHE D 296 8.11 -6.67 -58.05
C PHE D 296 8.63 -7.33 -59.32
N THR D 297 8.94 -8.63 -59.25
CA THR D 297 9.44 -9.34 -60.42
C THR D 297 8.33 -9.61 -61.43
N SER D 298 7.12 -9.90 -60.96
CA SER D 298 5.99 -10.17 -61.82
C SER D 298 4.73 -9.58 -61.20
N GLN D 299 3.78 -9.19 -62.05
CA GLN D 299 2.52 -8.63 -61.59
C GLN D 299 1.32 -9.22 -62.31
N THR D 300 1.50 -10.29 -63.08
CA THR D 300 0.41 -10.91 -63.83
C THR D 300 0.57 -12.42 -63.77
N TYR D 301 -0.46 -13.11 -63.28
CA TYR D 301 -0.46 -14.57 -63.22
C TYR D 301 -0.72 -15.12 -64.63
N VAL D 302 0.35 -15.17 -65.42
CA VAL D 302 0.24 -15.64 -66.79
C VAL D 302 -0.32 -17.05 -66.83
N ASP D 303 0.07 -17.89 -65.87
CA ASP D 303 -0.44 -19.25 -65.80
C ASP D 303 -0.07 -19.90 -64.47
N PRO D 304 -0.83 -20.90 -64.01
CA PRO D 304 -0.46 -21.57 -62.76
C PRO D 304 0.88 -22.29 -62.88
N SER D 305 1.31 -22.87 -61.76
CA SER D 305 2.56 -23.60 -61.72
C SER D 305 2.53 -24.56 -60.54
N ALA D 306 3.11 -25.75 -60.73
CA ALA D 306 3.14 -26.73 -59.65
C ALA D 306 4.02 -26.26 -58.51
N MET D 307 5.22 -25.75 -58.82
CA MET D 307 6.11 -25.26 -57.77
C MET D 307 5.45 -24.14 -56.97
N HIS D 308 4.61 -23.33 -57.63
CA HIS D 308 3.93 -22.25 -56.92
C HIS D 308 3.10 -22.77 -55.76
N PHE D 309 2.40 -23.88 -55.95
CA PHE D 309 1.53 -24.42 -54.90
C PHE D 309 2.32 -24.81 -53.67
N ILE D 310 3.34 -25.66 -53.84
CA ILE D 310 4.16 -26.08 -52.70
C ILE D 310 4.83 -24.88 -52.07
N PHE D 311 5.33 -23.94 -52.90
CA PHE D 311 6.00 -22.76 -52.36
C PHE D 311 5.07 -21.97 -51.45
N THR D 312 3.88 -21.64 -51.94
CA THR D 312 2.96 -20.81 -51.14
C THR D 312 2.44 -21.56 -49.93
N ILE D 313 2.17 -22.86 -50.05
CA ILE D 313 1.63 -23.59 -48.91
C ILE D 313 2.68 -23.72 -47.81
N PHE D 314 3.93 -23.98 -48.19
CA PHE D 314 4.99 -24.02 -47.18
C PHE D 314 5.27 -22.64 -46.61
N SER D 315 5.14 -21.59 -47.42
CA SER D 315 5.32 -20.24 -46.91
C SER D 315 4.27 -19.92 -45.85
N ARG D 316 3.02 -20.31 -46.09
CA ARG D 316 1.98 -20.08 -45.10
C ARG D 316 2.16 -20.96 -43.86
N VAL D 317 2.63 -22.20 -44.05
CA VAL D 317 2.88 -23.08 -42.91
C VAL D 317 3.96 -22.49 -42.03
N LEU D 318 5.06 -22.01 -42.63
CA LEU D 318 6.11 -21.39 -41.83
C LEU D 318 5.63 -20.11 -41.16
N ALA D 319 4.77 -19.35 -41.82
CA ALA D 319 4.23 -18.14 -41.20
C ALA D 319 3.39 -18.50 -39.98
N PHE D 320 2.57 -19.54 -40.08
CA PHE D 320 1.77 -19.98 -38.93
C PHE D 320 2.64 -20.60 -37.85
N SER D 321 3.82 -21.11 -38.21
CA SER D 321 4.69 -21.75 -37.23
C SER D 321 5.03 -20.81 -36.08
N ASN D 322 5.41 -19.56 -36.39
CA ASN D 322 5.78 -18.62 -35.34
C ASN D 322 4.57 -18.27 -34.48
N SER D 323 3.43 -17.98 -35.12
CA SER D 323 2.23 -17.65 -34.37
C SER D 323 1.81 -18.79 -33.46
N CYS D 324 2.09 -20.03 -33.85
CA CYS D 324 1.74 -21.19 -33.05
C CYS D 324 2.74 -21.46 -31.94
N VAL D 325 4.03 -21.18 -32.19
CA VAL D 325 5.07 -21.50 -31.22
C VAL D 325 5.27 -20.39 -30.19
N ASN D 326 4.77 -19.18 -30.47
CA ASN D 326 4.91 -18.08 -29.51
C ASN D 326 4.50 -18.51 -28.12
N PRO D 327 3.32 -19.12 -27.94
CA PRO D 327 2.96 -19.63 -26.60
C PRO D 327 3.85 -20.77 -26.13
N PHE D 328 4.23 -21.66 -27.06
CA PHE D 328 5.08 -22.79 -26.69
C PHE D 328 6.44 -22.35 -26.17
N ALA D 329 6.93 -21.18 -26.60
CA ALA D 329 8.18 -20.67 -26.06
C ALA D 329 8.05 -20.40 -24.57
N LEU D 330 7.04 -19.63 -24.17
CA LEU D 330 6.81 -19.37 -22.75
C LEU D 330 6.54 -20.68 -22.01
N TYR D 331 5.82 -21.61 -22.64
CA TYR D 331 5.63 -22.92 -22.03
C TYR D 331 6.97 -23.58 -21.72
N TRP D 332 7.90 -23.55 -22.68
CA TRP D 332 9.21 -24.15 -22.47
C TRP D 332 9.98 -23.41 -21.37
N LEU D 333 9.77 -22.10 -21.26
CA LEU D 333 10.58 -21.30 -20.34
C LEU D 333 10.15 -21.48 -18.89
N SER D 334 8.92 -21.09 -18.56
CA SER D 334 8.45 -21.00 -17.18
C SER D 334 7.85 -22.33 -16.74
N LYS D 335 8.26 -22.81 -15.56
CA LYS D 335 7.73 -24.06 -15.04
C LYS D 335 6.34 -23.87 -14.45
N SER D 336 6.10 -22.76 -13.75
CA SER D 336 4.76 -22.48 -13.25
C SER D 336 3.78 -22.32 -14.40
N PHE D 337 4.23 -21.72 -15.50
CA PHE D 337 3.38 -21.63 -16.69
C PHE D 337 3.11 -23.01 -17.26
N GLN D 338 4.09 -23.92 -17.20
CA GLN D 338 3.85 -25.30 -17.60
C GLN D 338 2.77 -25.94 -16.73
N LYS D 339 2.87 -25.74 -15.42
CA LYS D 339 1.85 -26.28 -14.51
C LYS D 339 0.46 -25.76 -14.88
N HIS D 340 0.34 -24.44 -15.06
CA HIS D 340 -0.96 -23.86 -15.39
C HIS D 340 -1.47 -24.37 -16.73
N PHE D 341 -0.57 -24.49 -17.72
CA PHE D 341 -0.97 -24.96 -19.04
C PHE D 341 -1.49 -26.39 -18.97
N LYS D 342 -0.76 -27.27 -18.27
CA LYS D 342 -1.21 -28.65 -18.16
C LYS D 342 -2.52 -28.74 -17.38
N ALA D 343 -2.67 -27.92 -16.34
CA ALA D 343 -3.91 -27.93 -15.57
C ALA D 343 -5.09 -27.54 -16.46
N GLN D 344 -4.95 -26.44 -17.21
CA GLN D 344 -6.03 -26.00 -18.09
C GLN D 344 -6.28 -27.02 -19.20
N LEU D 345 -5.24 -27.70 -19.67
CA LEU D 345 -5.42 -28.70 -20.72
C LEU D 345 -6.21 -29.90 -20.20
N PHE D 346 -5.85 -30.38 -19.00
CA PHE D 346 -6.63 -31.47 -18.41
C PHE D 346 -8.04 -31.02 -18.08
N CYS D 347 -8.23 -29.74 -17.77
CA CYS D 347 -9.56 -29.24 -17.45
C CYS D 347 -10.45 -29.23 -18.69
N CYS D 348 -9.95 -28.69 -19.81
CA CYS D 348 -10.75 -28.63 -21.02
C CYS D 348 -11.05 -30.00 -21.60
N LYS D 349 -10.31 -31.02 -21.19
CA LYS D 349 -10.53 -32.38 -21.68
C LYS D 349 -11.95 -32.83 -21.32
N VAL E 1 0.88 32.48 11.98
CA VAL E 1 0.17 32.83 10.72
C VAL E 1 0.00 34.34 10.61
N GLN E 2 0.32 34.88 9.44
CA GLN E 2 0.20 36.31 9.20
C GLN E 2 0.27 36.58 7.71
N LEU E 3 -0.67 37.38 7.21
CA LEU E 3 -0.71 37.79 5.81
C LEU E 3 -0.58 39.29 5.73
N VAL E 4 0.42 39.76 4.99
CA VAL E 4 0.72 41.18 4.85
C VAL E 4 0.63 41.54 3.37
N GLU E 5 -0.37 42.33 3.01
CA GLU E 5 -0.54 42.74 1.62
C GLU E 5 0.17 44.06 1.37
N SER E 6 0.59 44.26 0.12
CA SER E 6 1.29 45.47 -0.27
C SER E 6 0.99 45.77 -1.73
N GLY E 7 1.39 46.96 -2.16
CA GLY E 7 1.19 47.40 -3.53
C GLY E 7 0.08 48.42 -3.71
N GLY E 8 -0.64 48.77 -2.65
CA GLY E 8 -1.71 49.74 -2.77
C GLY E 8 -1.19 51.15 -2.98
N GLY E 9 -2.07 51.99 -3.49
CA GLY E 9 -1.73 53.38 -3.74
C GLY E 9 -2.70 54.00 -4.73
N LEU E 10 -2.38 55.21 -5.14
CA LEU E 10 -3.19 55.94 -6.10
C LEU E 10 -2.79 55.55 -7.52
N VAL E 11 -3.79 55.22 -8.34
CA VAL E 11 -3.56 54.84 -9.73
C VAL E 11 -4.66 55.49 -10.57
N GLN E 12 -4.27 56.04 -11.71
CA GLN E 12 -5.24 56.71 -12.58
C GLN E 12 -6.00 55.69 -13.42
N PRO E 13 -7.17 56.08 -13.95
CA PRO E 13 -7.93 55.14 -14.78
C PRO E 13 -7.10 54.63 -15.94
N GLY E 14 -7.31 53.36 -16.28
CA GLY E 14 -6.58 52.72 -17.36
C GLY E 14 -5.18 52.27 -17.01
N GLY E 15 -4.68 52.60 -15.82
CA GLY E 15 -3.36 52.19 -15.41
C GLY E 15 -3.32 50.71 -15.03
N SER E 16 -2.16 50.31 -14.51
CA SER E 16 -1.93 48.94 -14.08
C SER E 16 -1.18 48.93 -12.77
N ARG E 17 -1.52 47.98 -11.89
CA ARG E 17 -0.86 47.84 -10.61
C ARG E 17 -0.95 46.38 -10.19
N LYS E 18 0.09 45.91 -9.50
CA LYS E 18 0.19 44.53 -9.04
C LYS E 18 0.28 44.51 -7.53
N LEU E 19 -0.74 43.94 -6.88
CA LEU E 19 -0.72 43.78 -5.43
C LEU E 19 0.05 42.51 -5.07
N SER E 20 0.73 42.56 -3.93
CA SER E 20 1.54 41.44 -3.47
C SER E 20 1.25 41.17 -2.00
N CYS E 21 1.12 39.88 -1.68
CA CYS E 21 0.87 39.44 -0.31
C CYS E 21 1.92 38.41 0.08
N SER E 22 2.57 38.62 1.22
CA SER E 22 3.62 37.74 1.71
C SER E 22 3.02 36.84 2.78
N ALA E 23 3.13 35.53 2.57
CA ALA E 23 2.59 34.55 3.51
C ALA E 23 3.71 34.05 4.43
N SER E 24 3.35 33.80 5.69
CA SER E 24 4.29 33.30 6.67
C SER E 24 3.53 32.65 7.82
N GLY E 25 4.19 31.69 8.47
CA GLY E 25 3.60 31.02 9.61
C GLY E 25 2.67 29.88 9.27
N PHE E 26 2.68 29.42 8.01
CA PHE E 26 1.85 28.30 7.61
C PHE E 26 2.30 27.81 6.23
N ALA E 27 1.79 26.63 5.86
CA ALA E 27 2.13 26.02 4.58
C ALA E 27 1.31 26.67 3.46
N PHE E 28 1.87 27.76 2.93
CA PHE E 28 1.20 28.48 1.87
C PHE E 28 0.87 27.59 0.68
N SER E 29 1.69 26.57 0.43
CA SER E 29 1.46 25.69 -0.71
C SER E 29 0.14 24.93 -0.59
N SER E 30 -0.24 24.55 0.64
CA SER E 30 -1.43 23.74 0.85
C SER E 30 -2.70 24.56 0.98
N PHE E 31 -2.60 25.88 1.14
CA PHE E 31 -3.76 26.74 1.32
C PHE E 31 -4.09 27.48 0.03
N GLY E 32 -5.35 27.41 -0.38
CA GLY E 32 -5.81 28.18 -1.52
C GLY E 32 -6.15 29.60 -1.10
N MET E 33 -5.70 30.56 -1.91
CA MET E 33 -5.81 31.98 -1.59
C MET E 33 -7.02 32.59 -2.30
N HIS E 34 -7.70 33.50 -1.60
CA HIS E 34 -8.82 34.24 -2.15
C HIS E 34 -8.55 35.73 -2.04
N TRP E 35 -9.16 36.49 -2.95
CA TRP E 35 -9.10 37.95 -2.94
C TRP E 35 -10.51 38.50 -2.79
N VAL E 36 -10.71 39.33 -1.77
CA VAL E 36 -12.00 39.94 -1.49
C VAL E 36 -11.80 41.43 -1.31
N ARG E 37 -12.59 42.23 -2.02
CA ARG E 37 -12.52 43.69 -1.96
C ARG E 37 -13.63 44.21 -1.06
N GLN E 38 -13.45 45.47 -0.62
CA GLN E 38 -14.43 46.15 0.20
C GLN E 38 -14.41 47.62 -0.17
N ALA E 39 -15.31 48.04 -1.04
CA ALA E 39 -15.37 49.43 -1.43
C ALA E 39 -15.59 50.31 -0.20
N PRO E 40 -15.16 51.57 -0.24
CA PRO E 40 -15.31 52.44 0.94
C PRO E 40 -16.78 52.58 1.34
N GLU E 41 -17.07 52.24 2.60
CA GLU E 41 -18.41 52.36 3.15
C GLU E 41 -19.40 51.44 2.42
N LYS E 42 -18.95 50.23 2.06
CA LYS E 42 -19.80 49.26 1.39
C LYS E 42 -19.43 47.86 1.87
N GLY E 43 -20.17 46.87 1.37
CA GLY E 43 -19.95 45.50 1.77
C GLY E 43 -18.77 44.85 1.07
N LEU E 44 -18.68 43.54 1.22
CA LEU E 44 -17.58 42.78 0.64
C LEU E 44 -17.99 42.22 -0.72
N GLU E 45 -16.98 41.83 -1.50
CA GLU E 45 -17.19 41.25 -2.83
C GLU E 45 -15.97 40.42 -3.21
N TRP E 46 -16.22 39.21 -3.70
CA TRP E 46 -15.13 38.33 -4.10
C TRP E 46 -14.49 38.83 -5.38
N VAL E 47 -13.17 38.67 -5.47
CA VAL E 47 -12.38 39.15 -6.61
C VAL E 47 -11.88 38.00 -7.47
N ALA E 48 -11.08 37.11 -6.90
CA ALA E 48 -10.50 36.01 -7.66
C ALA E 48 -10.09 34.91 -6.69
N TYR E 49 -9.70 33.77 -7.26
CA TYR E 49 -9.29 32.60 -6.48
C TYR E 49 -8.23 31.82 -7.25
N ILE E 50 -7.31 31.22 -6.51
CA ILE E 50 -6.29 30.34 -7.07
C ILE E 50 -6.13 29.14 -6.14
N SER E 51 -6.24 27.94 -6.69
CA SER E 51 -6.16 26.74 -5.88
C SER E 51 -4.70 26.33 -5.66
N SER E 52 -4.51 25.33 -4.81
CA SER E 52 -3.17 24.82 -4.55
C SER E 52 -2.56 24.27 -5.83
N GLY E 53 -1.27 24.57 -6.03
CA GLY E 53 -0.59 24.15 -7.23
C GLY E 53 -1.00 24.87 -8.49
N SER E 54 -1.81 25.92 -8.38
CA SER E 54 -2.27 26.72 -9.51
C SER E 54 -3.11 25.92 -10.49
N GLY E 55 -3.77 24.85 -10.04
CA GLY E 55 -4.57 24.05 -10.94
C GLY E 55 -5.88 24.71 -11.33
N THR E 56 -6.60 25.24 -10.35
CA THR E 56 -7.91 25.85 -10.55
C THR E 56 -7.80 27.35 -10.27
N ILE E 57 -8.23 28.17 -11.22
CA ILE E 57 -8.21 29.62 -11.09
C ILE E 57 -9.56 30.15 -11.56
N TYR E 58 -10.14 31.06 -10.77
CA TYR E 58 -11.43 31.64 -11.08
C TYR E 58 -11.37 33.15 -10.88
N TYR E 59 -12.31 33.85 -11.50
CA TYR E 59 -12.40 35.30 -11.40
C TYR E 59 -13.87 35.70 -11.40
N ALA E 60 -14.17 36.82 -10.75
CA ALA E 60 -15.52 37.35 -10.73
C ALA E 60 -15.82 38.08 -12.05
N ASP E 61 -17.10 38.06 -12.42
CA ASP E 61 -17.52 38.70 -13.67
C ASP E 61 -17.21 40.20 -13.66
N THR E 62 -17.19 40.83 -12.50
CA THR E 62 -16.89 42.26 -12.43
C THR E 62 -15.42 42.56 -12.65
N VAL E 63 -14.54 41.56 -12.56
CA VAL E 63 -13.11 41.75 -12.77
C VAL E 63 -12.49 40.77 -13.74
N LYS E 64 -13.22 39.76 -14.22
CA LYS E 64 -12.65 38.78 -15.13
C LYS E 64 -12.09 39.48 -16.36
N GLY E 65 -10.91 39.03 -16.78
CA GLY E 65 -10.20 39.63 -17.90
C GLY E 65 -9.22 40.72 -17.50
N ARG E 66 -9.67 41.64 -16.66
CA ARG E 66 -8.79 42.73 -16.24
C ARG E 66 -7.75 42.25 -15.22
N PHE E 67 -8.21 41.49 -14.22
CA PHE E 67 -7.35 41.01 -13.14
C PHE E 67 -6.92 39.58 -13.42
N THR E 68 -5.66 39.28 -13.12
CA THR E 68 -5.12 37.93 -13.23
C THR E 68 -4.35 37.59 -11.98
N ILE E 69 -4.67 36.44 -11.38
CA ILE E 69 -4.08 36.02 -10.12
C ILE E 69 -2.96 35.03 -10.39
N SER E 70 -1.90 35.10 -9.59
CA SER E 70 -0.76 34.19 -9.72
C SER E 70 -0.11 34.05 -8.36
N ARG E 71 0.57 32.91 -8.17
CA ARG E 71 1.23 32.60 -6.90
C ARG E 71 2.57 31.97 -7.18
N ASP E 72 3.49 32.13 -6.21
CA ASP E 72 4.84 31.57 -6.28
C ASP E 72 5.11 30.85 -4.96
N ASP E 73 4.75 29.57 -4.91
CA ASP E 73 4.94 28.79 -3.68
C ASP E 73 6.39 28.80 -3.18
N PRO E 74 7.42 28.67 -4.03
CA PRO E 74 8.79 28.65 -3.51
C PRO E 74 9.13 29.85 -2.64
N LYS E 75 8.48 30.99 -2.84
CA LYS E 75 8.74 32.19 -2.04
C LYS E 75 7.60 32.53 -1.10
N ASN E 76 6.51 31.76 -1.10
CA ASN E 76 5.37 32.00 -0.21
C ASN E 76 4.84 33.41 -0.40
N THR E 77 4.48 33.73 -1.64
CA THR E 77 3.95 35.05 -1.99
C THR E 77 2.83 34.89 -2.99
N LEU E 78 1.86 35.82 -2.93
CA LEU E 78 0.73 35.85 -3.83
C LEU E 78 0.74 37.17 -4.60
N PHE E 79 0.24 37.11 -5.84
CA PHE E 79 0.21 38.29 -6.71
C PHE E 79 -1.15 38.38 -7.39
N LEU E 80 -1.60 39.61 -7.62
CA LEU E 80 -2.85 39.90 -8.31
C LEU E 80 -2.59 41.05 -9.27
N GLN E 81 -2.28 40.71 -10.53
CA GLN E 81 -2.01 41.73 -11.54
C GLN E 81 -3.32 42.39 -11.97
N MET E 82 -3.36 43.71 -11.88
CA MET E 82 -4.54 44.49 -12.25
C MET E 82 -4.21 45.36 -13.46
N THR E 83 -5.08 45.32 -14.46
CA THR E 83 -4.91 46.09 -15.69
C THR E 83 -6.22 46.80 -16.02
N SER E 84 -6.09 47.99 -16.62
CA SER E 84 -7.26 48.79 -17.00
C SER E 84 -8.15 49.09 -15.80
N LEU E 85 -7.52 49.49 -14.70
CA LEU E 85 -8.25 49.81 -13.48
C LEU E 85 -9.34 50.85 -13.75
N ARG E 86 -10.56 50.55 -13.33
CA ARG E 86 -11.69 51.45 -13.46
C ARG E 86 -11.90 52.21 -12.16
N SER E 87 -12.56 53.37 -12.27
CA SER E 87 -12.86 54.17 -11.09
C SER E 87 -13.69 53.38 -10.08
N GLU E 88 -14.51 52.45 -10.56
CA GLU E 88 -15.34 51.63 -9.68
C GLU E 88 -14.54 50.56 -8.95
N ASP E 89 -13.30 50.28 -9.38
CA ASP E 89 -12.48 49.27 -8.75
C ASP E 89 -11.79 49.76 -7.49
N THR E 90 -11.94 51.04 -7.14
CA THR E 90 -11.35 51.57 -5.91
C THR E 90 -11.97 50.86 -4.72
N ALA E 91 -11.15 50.10 -4.00
CA ALA E 91 -11.63 49.34 -2.85
C ALA E 91 -10.42 48.77 -2.12
N MET E 92 -10.67 48.27 -0.91
CA MET E 92 -9.63 47.65 -0.10
C MET E 92 -9.70 46.13 -0.27
N TYR E 93 -8.60 45.55 -0.74
CA TYR E 93 -8.54 44.13 -1.07
C TYR E 93 -7.93 43.36 0.09
N TYR E 94 -8.60 42.30 0.53
CA TYR E 94 -8.14 41.46 1.62
C TYR E 94 -7.73 40.10 1.05
N CYS E 95 -6.53 39.64 1.43
CA CYS E 95 -6.07 38.32 1.04
C CYS E 95 -6.53 37.31 2.09
N VAL E 96 -7.10 36.20 1.63
CA VAL E 96 -7.69 35.19 2.51
C VAL E 96 -7.18 33.83 2.09
N ARG E 97 -6.83 32.99 3.06
CA ARG E 97 -6.39 31.62 2.82
C ARG E 97 -7.56 30.67 2.98
N SER E 98 -7.47 29.51 2.32
CA SER E 98 -8.50 28.50 2.41
C SER E 98 -7.91 27.14 2.08
N ILE E 99 -8.25 26.15 2.90
CA ILE E 99 -7.86 24.77 2.69
C ILE E 99 -9.13 23.92 2.75
N TYR E 100 -9.31 23.05 1.75
CA TYR E 100 -10.56 22.34 1.54
C TYR E 100 -10.36 20.86 1.84
N TYR E 101 -11.04 20.38 2.88
CA TYR E 101 -11.10 18.97 3.22
C TYR E 101 -12.17 18.80 4.28
N TYR E 102 -12.60 17.56 4.47
CA TYR E 102 -13.66 17.28 5.44
C TYR E 102 -13.23 17.74 6.83
N GLY E 103 -14.04 18.61 7.43
CA GLY E 103 -13.71 19.20 8.72
C GLY E 103 -12.86 20.45 8.65
N SER E 104 -12.56 20.94 7.45
CA SER E 104 -11.73 22.13 7.32
C SER E 104 -12.54 23.39 7.67
N SER E 105 -11.83 24.51 7.74
CA SER E 105 -12.42 25.82 8.03
C SER E 105 -11.90 26.81 6.99
N PRO E 106 -12.49 26.83 5.79
CA PRO E 106 -12.08 27.80 4.79
C PRO E 106 -12.34 29.23 5.25
N PHE E 107 -11.54 30.15 4.70
CA PHE E 107 -11.65 31.57 5.04
C PHE E 107 -11.46 31.81 6.54
N ASP E 108 -10.55 31.07 7.16
CA ASP E 108 -10.33 31.17 8.60
C ASP E 108 -9.43 32.35 8.97
N PHE E 109 -8.56 32.80 8.08
CA PHE E 109 -7.63 33.88 8.36
C PHE E 109 -7.73 34.92 7.25
N TRP E 110 -7.86 36.19 7.64
CA TRP E 110 -7.98 37.31 6.72
C TRP E 110 -6.80 38.25 6.93
N GLY E 111 -6.14 38.60 5.83
CA GLY E 111 -4.99 39.47 5.91
C GLY E 111 -5.36 40.87 6.38
N GLN E 112 -4.33 41.71 6.54
CA GLN E 112 -4.52 43.07 6.99
C GLN E 112 -5.18 43.95 5.94
N GLY E 113 -5.15 43.55 4.67
CA GLY E 113 -5.80 44.31 3.62
C GLY E 113 -4.94 45.45 3.11
N THR E 114 -5.16 45.79 1.84
CA THR E 114 -4.48 46.90 1.18
C THR E 114 -5.50 47.74 0.45
N THR E 115 -5.30 49.07 0.48
CA THR E 115 -6.24 50.01 -0.11
C THR E 115 -5.73 50.45 -1.48
N LEU E 116 -6.65 50.52 -2.44
CA LEU E 116 -6.35 50.97 -3.79
C LEU E 116 -7.30 52.11 -4.13
N THR E 117 -6.77 53.33 -4.18
CA THR E 117 -7.56 54.53 -4.45
C THR E 117 -7.40 54.91 -5.92
N VAL E 118 -8.25 54.31 -6.76
CA VAL E 118 -8.20 54.60 -8.19
C VAL E 118 -8.60 56.05 -8.42
N SER E 119 -7.89 56.71 -9.33
CA SER E 119 -8.16 58.10 -9.66
C SER E 119 -8.07 58.98 -8.41
N ALA E 136 -25.96 32.10 -13.07
CA ALA E 136 -26.06 33.39 -12.41
C ALA E 136 -25.50 33.32 -10.99
N ASP E 137 -25.15 34.47 -10.43
CA ASP E 137 -24.58 34.52 -9.09
C ASP E 137 -25.71 34.52 -8.06
N ILE E 138 -25.56 33.67 -7.03
CA ILE E 138 -26.57 33.63 -5.97
C ILE E 138 -26.51 34.93 -5.18
N VAL E 139 -27.68 35.52 -4.95
CA VAL E 139 -27.79 36.80 -4.24
C VAL E 139 -28.12 36.53 -2.79
N MET E 140 -27.49 37.27 -1.89
CA MET E 140 -27.72 37.17 -0.45
C MET E 140 -28.26 38.50 0.06
N THR E 141 -29.35 38.43 0.83
CA THR E 141 -29.99 39.61 1.38
C THR E 141 -30.22 39.40 2.88
N GLN E 142 -29.68 40.30 3.69
CA GLN E 142 -29.78 40.22 5.14
C GLN E 142 -31.02 40.97 5.61
N ALA E 143 -31.48 40.63 6.82
CA ALA E 143 -32.69 41.24 7.36
C ALA E 143 -32.57 42.76 7.42
N THR E 144 -31.55 43.27 8.10
CA THR E 144 -31.37 44.71 8.23
C THR E 144 -29.88 45.04 8.17
N SER E 145 -29.59 46.28 7.77
CA SER E 145 -28.21 46.73 7.67
C SER E 145 -27.65 47.19 9.01
N SER E 146 -28.51 47.51 9.97
CA SER E 146 -28.06 47.96 11.29
C SER E 146 -29.04 47.48 12.34
N VAL E 147 -28.52 47.18 13.52
CA VAL E 147 -29.31 46.69 14.63
C VAL E 147 -28.75 47.24 15.94
N PRO E 148 -29.27 48.34 16.46
CA PRO E 148 -28.78 48.85 17.75
C PRO E 148 -29.21 47.95 18.90
N VAL E 149 -28.26 47.58 19.75
CA VAL E 149 -28.51 46.68 20.86
C VAL E 149 -27.61 47.06 22.02
N THR E 150 -28.07 46.73 23.24
CA THR E 150 -27.33 46.99 24.46
C THR E 150 -26.44 45.80 24.83
N PRO E 151 -25.37 46.02 25.59
CA PRO E 151 -24.50 44.90 25.95
C PRO E 151 -25.23 43.90 26.84
N GLY E 152 -24.82 42.64 26.71
CA GLY E 152 -25.41 41.55 27.46
C GLY E 152 -26.69 40.97 26.86
N GLU E 153 -27.37 41.73 26.00
CA GLU E 153 -28.60 41.24 25.39
C GLU E 153 -28.29 40.17 24.35
N SER E 154 -29.25 39.27 24.16
CA SER E 154 -29.15 38.21 23.17
C SER E 154 -29.52 38.77 21.80
N VAL E 155 -28.59 38.73 20.86
CA VAL E 155 -28.76 39.31 19.53
C VAL E 155 -28.96 38.17 18.55
N SER E 156 -29.88 38.36 17.60
CA SER E 156 -30.17 37.40 16.56
C SER E 156 -30.12 38.08 15.20
N ILE E 157 -29.27 37.58 14.31
CA ILE E 157 -29.13 38.09 12.96
C ILE E 157 -29.62 37.01 12.01
N SER E 158 -30.27 37.42 10.93
CA SER E 158 -30.85 36.48 9.96
C SER E 158 -30.58 36.97 8.56
N CYS E 159 -30.56 36.04 7.61
CA CYS E 159 -30.35 36.35 6.21
C CYS E 159 -31.05 35.31 5.36
N ARG E 160 -31.34 35.67 4.12
CA ARG E 160 -32.03 34.80 3.18
C ARG E 160 -31.23 34.70 1.89
N SER E 161 -31.30 33.53 1.25
CA SER E 161 -30.61 33.26 0.00
C SER E 161 -31.62 32.94 -1.09
N SER E 162 -31.24 33.24 -2.34
CA SER E 162 -32.13 32.99 -3.47
C SER E 162 -32.12 31.53 -3.89
N LYS E 163 -31.10 30.77 -3.49
CA LYS E 163 -31.00 29.36 -3.85
C LYS E 163 -30.61 28.55 -2.62
N SER E 164 -31.15 27.34 -2.53
CA SER E 164 -30.88 26.47 -1.39
C SER E 164 -29.40 26.09 -1.37
N LEU E 165 -28.71 26.45 -0.29
CA LEU E 165 -27.30 26.13 -0.14
C LEU E 165 -27.07 24.71 0.37
N LEU E 166 -28.12 23.99 0.75
CA LEU E 166 -27.99 22.62 1.23
C LEU E 166 -27.76 21.70 0.04
N HIS E 167 -26.52 21.26 -0.14
CA HIS E 167 -26.17 20.38 -1.24
C HIS E 167 -26.60 18.95 -0.94
N SER E 168 -26.54 18.09 -1.95
CA SER E 168 -26.93 16.70 -1.78
C SER E 168 -26.14 15.99 -0.70
N ASN E 169 -24.94 16.46 -0.39
CA ASN E 169 -24.10 15.85 0.63
C ASN E 169 -24.45 16.29 2.05
N GLY E 170 -25.60 16.94 2.23
CA GLY E 170 -26.03 17.37 3.55
C GLY E 170 -25.29 18.55 4.11
N ASN E 171 -24.34 19.13 3.38
CA ASN E 171 -23.58 20.27 3.86
C ASN E 171 -24.23 21.57 3.43
N THR E 172 -24.36 22.49 4.39
CA THR E 172 -24.91 23.83 4.15
C THR E 172 -23.72 24.77 4.00
N TYR E 173 -23.42 25.15 2.76
CA TYR E 173 -22.23 25.95 2.48
C TYR E 173 -22.45 27.42 2.79
N LEU E 174 -22.77 27.73 4.05
CA LEU E 174 -22.93 29.10 4.50
C LEU E 174 -21.75 29.51 5.38
N TYR E 175 -21.34 30.76 5.25
CA TYR E 175 -20.24 31.31 6.03
C TYR E 175 -20.68 32.63 6.67
N TRP E 176 -20.13 32.90 7.85
CA TRP E 176 -20.38 34.15 8.57
C TRP E 176 -19.04 34.78 8.93
N PHE E 177 -18.95 36.10 8.72
CA PHE E 177 -17.73 36.84 9.00
C PHE E 177 -18.07 38.10 9.78
N LEU E 178 -17.19 38.44 10.72
CA LEU E 178 -17.35 39.63 11.56
C LEU E 178 -16.15 40.54 11.33
N GLN E 179 -16.41 41.76 10.87
CA GLN E 179 -15.38 42.76 10.62
C GLN E 179 -15.53 43.87 11.64
N ARG E 180 -14.74 43.79 12.71
CA ARG E 180 -14.79 44.81 13.74
C ARG E 180 -14.26 46.14 13.19
N PRO E 181 -14.69 47.26 13.77
CA PRO E 181 -14.21 48.56 13.27
C PRO E 181 -12.71 48.69 13.37
N GLY E 182 -12.06 48.90 12.22
CA GLY E 182 -10.63 49.02 12.17
C GLY E 182 -9.86 47.71 12.11
N GLN E 183 -10.56 46.59 11.90
CA GLN E 183 -9.93 45.28 11.83
C GLN E 183 -10.48 44.52 10.64
N SER E 184 -9.74 43.49 10.23
CA SER E 184 -10.16 42.68 9.10
C SER E 184 -11.25 41.70 9.53
N PRO E 185 -12.00 41.15 8.59
CA PRO E 185 -13.06 40.19 8.95
C PRO E 185 -12.50 38.99 9.69
N GLN E 186 -13.34 38.40 10.52
CA GLN E 186 -13.00 37.20 11.28
C GLN E 186 -14.07 36.14 11.07
N LEU E 187 -13.64 34.90 10.91
CA LEU E 187 -14.57 33.80 10.67
C LEU E 187 -15.25 33.39 11.97
N LEU E 188 -16.57 33.25 11.92
CA LEU E 188 -17.36 32.78 13.05
C LEU E 188 -17.98 31.42 12.78
N ILE E 189 -18.72 31.29 11.67
CA ILE E 189 -19.34 30.03 11.27
C ILE E 189 -18.96 29.76 9.82
N TYR E 190 -18.55 28.53 9.53
CA TYR E 190 -18.11 28.15 8.19
C TYR E 190 -19.00 27.08 7.56
N ARG E 191 -20.11 26.73 8.19
CA ARG E 191 -21.03 25.74 7.63
C ARG E 191 -22.29 25.63 8.50
N SER E 193 -23.34 26.01 11.36
CA SER E 193 -23.50 25.59 12.74
C SER E 193 -22.15 25.36 13.39
N ASN E 194 -21.19 24.88 12.61
CA ASN E 194 -19.85 24.62 13.13
C ASN E 194 -19.19 25.92 13.53
N LEU E 195 -18.53 25.91 14.70
CA LEU E 195 -17.89 27.10 15.24
C LEU E 195 -16.40 27.08 14.88
N ALA E 196 -15.90 28.24 14.44
CA ALA E 196 -14.49 28.34 14.07
C ALA E 196 -13.61 28.34 15.30
N SER E 197 -12.33 28.03 15.09
CA SER E 197 -11.37 27.99 16.18
C SER E 197 -11.17 29.39 16.77
N GLY E 198 -11.05 29.45 18.10
CA GLY E 198 -10.85 30.71 18.79
C GLY E 198 -12.11 31.52 19.04
N VAL E 199 -13.21 31.18 18.39
CA VAL E 199 -14.45 31.94 18.59
C VAL E 199 -15.13 31.47 19.87
N PRO E 200 -15.59 32.37 20.75
CA PRO E 200 -16.26 31.91 21.97
C PRO E 200 -17.51 31.09 21.63
N ASP E 201 -17.93 30.26 22.59
CA ASP E 201 -19.12 29.45 22.43
C ASP E 201 -20.39 30.28 22.38
N ARG E 202 -20.32 31.57 22.73
CA ARG E 202 -21.51 32.41 22.72
C ARG E 202 -22.13 32.51 21.33
N PHE E 203 -21.33 32.27 20.29
CA PHE E 203 -21.83 32.33 18.92
C PHE E 203 -22.38 30.97 18.50
N SER E 204 -23.52 31.00 17.81
CA SER E 204 -24.15 29.78 17.33
C SER E 204 -24.90 30.10 16.05
N GLY E 205 -24.95 29.12 15.16
CA GLY E 205 -25.58 29.29 13.86
C GLY E 205 -26.55 28.18 13.55
N SER E 206 -27.70 28.55 12.99
CA SER E 206 -28.72 27.58 12.60
C SER E 206 -29.54 28.19 11.47
N GLY E 207 -30.14 27.31 10.66
CA GLY E 207 -30.95 27.77 9.55
C GLY E 207 -31.41 26.65 8.62
N SER E 208 -32.40 26.96 7.80
CA SER E 208 -32.93 26.00 6.83
C SER E 208 -32.12 26.10 5.54
N GLY E 209 -32.61 25.46 4.48
CA GLY E 209 -31.89 25.48 3.21
C GLY E 209 -31.77 26.87 2.63
N THR E 210 -32.74 27.75 2.92
CA THR E 210 -32.73 29.11 2.40
C THR E 210 -32.85 30.17 3.48
N ALA E 211 -33.24 29.82 4.70
CA ALA E 211 -33.34 30.75 5.81
C ALA E 211 -32.24 30.46 6.81
N PHE E 212 -31.48 31.49 7.17
CA PHE E 212 -30.34 31.36 8.06
C PHE E 212 -30.45 32.35 9.21
N THR E 213 -29.88 31.99 10.35
CA THR E 213 -29.94 32.81 11.55
C THR E 213 -28.66 32.67 12.34
N LEU E 214 -28.06 33.80 12.70
CA LEU E 214 -26.88 33.85 13.55
C LEU E 214 -27.28 34.45 14.90
N THR E 215 -26.98 33.72 15.98
CA THR E 215 -27.41 34.09 17.32
C THR E 215 -26.20 34.34 18.20
N ILE E 216 -26.25 35.42 18.98
CA ILE E 216 -25.24 35.76 19.96
C ILE E 216 -25.90 35.62 21.33
N SER E 217 -25.55 34.56 22.06
CA SER E 217 -26.20 34.29 23.32
C SER E 217 -26.01 35.43 24.33
N ARG E 218 -24.83 36.03 24.35
CA ARG E 218 -24.55 37.13 25.28
C ARG E 218 -23.53 38.05 24.61
N LEU E 219 -24.01 39.17 24.09
CA LEU E 219 -23.16 40.08 23.34
C LEU E 219 -22.11 40.71 24.25
N GLU E 220 -20.88 40.79 23.76
CA GLU E 220 -19.78 41.45 24.44
C GLU E 220 -19.48 42.79 23.81
N ALA E 221 -18.71 43.61 24.54
CA ALA E 221 -18.33 44.92 24.02
C ALA E 221 -17.54 44.78 22.73
N GLU E 222 -16.71 43.74 22.61
CA GLU E 222 -15.89 43.54 21.44
C GLU E 222 -16.62 42.83 20.31
N ASP E 223 -17.88 42.46 20.50
CA ASP E 223 -18.66 41.79 19.46
C ASP E 223 -19.29 42.76 18.47
N VAL E 224 -19.26 44.06 18.76
CA VAL E 224 -19.84 45.04 17.85
C VAL E 224 -19.02 45.07 16.55
N GLY E 225 -19.70 45.32 15.45
CA GLY E 225 -19.06 45.37 14.15
C GLY E 225 -20.05 45.02 13.06
N VAL E 226 -19.51 44.81 11.87
CA VAL E 226 -20.31 44.47 10.69
C VAL E 226 -20.21 42.97 10.45
N TYR E 227 -21.36 42.30 10.37
CA TYR E 227 -21.43 40.86 10.14
C TYR E 227 -21.74 40.61 8.67
N TYR E 228 -20.84 39.90 7.99
CA TYR E 228 -20.99 39.58 6.58
C TYR E 228 -21.17 38.08 6.41
N CYS E 229 -22.14 37.70 5.58
CA CYS E 229 -22.33 36.31 5.21
C CYS E 229 -21.73 36.03 3.84
N MET E 230 -21.66 34.75 3.49
CA MET E 230 -21.11 34.35 2.20
C MET E 230 -21.64 32.97 1.85
N GLN E 231 -22.03 32.81 0.59
CA GLN E 231 -22.44 31.50 0.07
C GLN E 231 -21.29 30.89 -0.70
N HIS E 232 -21.12 29.57 -0.56
CA HIS E 232 -20.03 28.84 -1.18
C HIS E 232 -20.54 27.65 -1.97
N LEU E 233 -21.83 27.65 -2.33
CA LEU E 233 -22.35 26.59 -3.17
C LEU E 233 -21.81 26.71 -4.60
N GLU E 234 -21.61 27.94 -5.06
CA GLU E 234 -21.02 28.20 -6.37
C GLU E 234 -19.92 29.25 -6.19
N TYR E 235 -18.86 29.10 -6.98
CA TYR E 235 -17.68 29.94 -6.82
C TYR E 235 -17.96 31.43 -7.03
N PRO E 236 -18.97 31.82 -7.83
CA PRO E 236 -19.32 33.24 -7.83
C PRO E 236 -19.86 33.69 -6.48
N LEU E 237 -18.94 33.85 -5.52
CA LEU E 237 -19.30 34.18 -4.15
C LEU E 237 -19.94 35.55 -4.06
N THR E 238 -21.06 35.64 -3.35
CA THR E 238 -21.77 36.89 -3.09
C THR E 238 -21.86 37.12 -1.59
N PHE E 239 -21.29 38.23 -1.13
CA PHE E 239 -21.32 38.56 0.29
C PHE E 239 -22.56 39.37 0.62
N GLY E 240 -23.04 39.21 1.86
CA GLY E 240 -24.22 39.92 2.29
C GLY E 240 -23.99 41.41 2.39
N ALA E 241 -25.09 42.14 2.50
CA ALA E 241 -25.03 43.60 2.59
C ALA E 241 -24.40 44.08 3.89
N GLY E 242 -24.24 43.22 4.88
CA GLY E 242 -23.64 43.61 6.15
C GLY E 242 -24.66 44.12 7.14
N THR E 243 -24.56 43.64 8.38
CA THR E 243 -25.47 44.04 9.46
C THR E 243 -24.64 44.60 10.61
N LYS E 244 -24.79 45.89 10.86
CA LYS E 244 -24.04 46.52 11.94
C LYS E 244 -24.74 46.35 13.28
N LEU E 245 -23.95 46.12 14.32
CA LEU E 245 -24.44 46.08 15.68
C LEU E 245 -23.85 47.25 16.46
N GLU E 246 -24.71 48.21 16.83
CA GLU E 246 -24.29 49.39 17.56
C GLU E 246 -24.50 49.15 19.05
N LEU E 247 -23.49 49.48 19.84
CA LEU E 247 -23.56 49.28 21.29
C LEU E 247 -24.66 50.14 21.90
#